data_6G1B
#
_entry.id   6G1B
#
_cell.length_a   161.307
_cell.length_b   46.186
_cell.length_c   116.692
_cell.angle_alpha   90.000
_cell.angle_beta   121.920
_cell.angle_gamma   90.000
#
_symmetry.space_group_name_H-M   'C 1 2 1'
#
loop_
_entity.id
_entity.type
_entity.pdbx_description
1 polymer 'Hydrogen peroxide-inducible genes activator'
2 polymer 'Hydrogen peroxide-inducible genes activator'
3 non-polymer 'NICKEL (II) ION'
4 non-polymer 'FORMIC ACID'
5 non-polymer 3-PYRIDINIUM-1-YLPROPANE-1-SULFONATE
6 non-polymer 'SODIUM ION'
7 non-polymer 'HYDROGEN PEROXIDE'
8 water water
#
loop_
_entity_poly.entity_id
_entity_poly.type
_entity_poly.pdbx_seq_one_letter_code
_entity_poly.pdbx_strand_id
1 'polypeptide(L)'
;GSHMSNKEYRPTLAQLRTFVTIAECKHFGTAATKLSISQPSLSQALVALETGLGVQLIERSTRKVIVTPAGEKLLPFAKS
TLDAAESFLSHAKGANGSLTGPLTVGIIPTAAPYILPS(SME)LSIVDEEYPDLEPHIVEDQTKHLLALLRDGAIDVAMM
ALPSEAPGMKEIPLYDEDFIVVTASDHPFAGRQDLELSALEDLDLLLLDDGHCLHDQIVDLCRRGNINPISSTTAVTRAS
SLTTVMQLVVAGLGSTLVPISAIPWECTRPGLATANFNSDVTANRRIGLVYRSSSSRAEEFEQFALILQRAFQEAVALAA
STGITLKQNVA
;
J
2 'polypeptide(L)'
;GSHMSNKEYRPTLAQLRTFVTIAECKHFGTAATKLSISQPSLSQALVALETGLGVQLIERSTRKVIVTPAGEKLLPFAKS
TLDAAESFLSHAKGANGSLTGPLTVGIIPTAAPYILPSMLSIVDEEYPDLEPHIVEDQTKHLLALLRDGAIDVAMMALPS
EAPGMKEIPLYDEDFIVVTASDHPFAGRQDLELSALEDLDLLLLDDGHCLHDQIVDLCRRGNINPISSTTAVTRASSLTT
VMQLVVAGLGSTLVPISAIPWECTRPGLATANFNSDVTANRRIGLVYRSSSSRAEEFEQFALILQRAFQEAVALAASTGI
TLKQNV
;
B
#
# COMPACT_ATOMS: atom_id res chain seq x y z
N LYS A 7 -10.67 47.60 28.67
CA LYS A 7 -11.48 46.39 28.42
C LYS A 7 -10.70 45.33 27.61
N GLU A 8 -11.17 44.08 27.63
CA GLU A 8 -10.69 43.01 26.72
C GLU A 8 -11.56 42.94 25.44
N TYR A 9 -11.83 44.12 24.88
CA TYR A 9 -12.79 44.31 23.79
C TYR A 9 -12.32 43.60 22.52
N ARG A 10 -13.28 42.94 21.87
CA ARG A 10 -13.10 42.35 20.55
C ARG A 10 -14.21 42.89 19.66
N PRO A 11 -13.84 43.36 18.46
CA PRO A 11 -14.89 43.86 17.55
C PRO A 11 -15.76 42.74 17.01
N THR A 12 -17.03 43.05 16.81
CA THR A 12 -18.00 42.14 16.18
C THR A 12 -18.06 42.44 14.68
N LEU A 13 -18.52 41.44 13.92
CA LEU A 13 -18.70 41.63 12.48
C LEU A 13 -19.71 42.74 12.17
N ALA A 14 -20.77 42.85 12.96
CA ALA A 14 -21.77 43.90 12.76
C ALA A 14 -21.12 45.27 12.92
N GLN A 15 -20.26 45.41 13.93
CA GLN A 15 -19.55 46.69 14.12
C GLN A 15 -18.63 47.00 12.94
N LEU A 16 -17.86 46.00 12.50
CA LEU A 16 -17.01 46.15 11.32
C LEU A 16 -17.80 46.50 10.05
N ARG A 17 -18.97 45.87 9.89
CA ARG A 17 -19.88 46.14 8.74
C ARG A 17 -20.39 47.58 8.75
N THR A 18 -20.70 48.09 9.93
CA THR A 18 -21.08 49.51 10.09
C THR A 18 -19.97 50.45 9.65
N PHE A 19 -18.75 50.15 10.05
CA PHE A 19 -17.58 50.94 9.70
C PHE A 19 -17.35 50.95 8.20
N VAL A 20 -17.26 49.76 7.61
CA VAL A 20 -16.94 49.65 6.19
C VAL A 20 -18.02 50.35 5.34
N THR A 21 -19.29 50.16 5.69
CA THR A 21 -20.42 50.73 4.96
C THR A 21 -20.41 52.26 5.00
N ILE A 22 -20.26 52.84 6.19
CA ILE A 22 -20.14 54.29 6.34
C ILE A 22 -18.97 54.81 5.50
N ALA A 23 -17.80 54.18 5.66
CA ALA A 23 -16.58 54.60 4.94
C ALA A 23 -16.73 54.61 3.41
N GLU A 24 -17.52 53.68 2.87
CA GLU A 24 -17.74 53.57 1.43
C GLU A 24 -18.90 54.45 0.93
N CYS A 25 -19.98 54.52 1.71
CA CYS A 25 -21.16 55.35 1.37
C CYS A 25 -20.91 56.84 1.58
N LYS A 26 -20.17 57.17 2.63
CA LYS A 26 -19.91 58.56 3.06
C LYS A 26 -21.14 59.30 3.56
N HIS A 27 -22.23 58.60 3.88
CA HIS A 27 -23.40 59.17 4.56
C HIS A 27 -23.98 58.15 5.53
N PHE A 28 -24.48 58.63 6.65
CA PHE A 28 -25.14 57.77 7.66
C PHE A 28 -26.49 57.24 7.16
N GLY A 29 -27.25 58.08 6.43
CA GLY A 29 -28.58 57.70 5.93
C GLY A 29 -28.56 56.57 4.93
N THR A 30 -27.73 56.76 3.89
CA THR A 30 -27.41 55.77 2.85
C THR A 30 -26.90 54.44 3.46
N ALA A 31 -26.02 54.55 4.46
CA ALA A 31 -25.39 53.40 5.11
C ALA A 31 -26.38 52.55 5.90
N ALA A 32 -27.20 53.21 6.73
CA ALA A 32 -28.23 52.54 7.54
C ALA A 32 -29.28 51.84 6.68
N THR A 33 -29.68 52.48 5.58
CA THR A 33 -30.61 51.88 4.60
C THR A 33 -30.01 50.65 3.89
N LYS A 34 -28.74 50.74 3.51
CA LYS A 34 -28.01 49.62 2.89
C LYS A 34 -27.84 48.44 3.85
N LEU A 35 -27.74 48.71 5.14
CA LEU A 35 -27.64 47.66 6.17
C LEU A 35 -28.98 47.27 6.80
N SER A 36 -30.08 47.86 6.32
CA SER A 36 -31.44 47.66 6.87
C SER A 36 -31.52 47.76 8.40
N ILE A 37 -30.84 48.77 8.96
CA ILE A 37 -30.91 49.08 10.39
C ILE A 37 -31.24 50.56 10.53
N SER A 38 -31.61 50.94 11.75
CA SER A 38 -31.95 52.32 12.07
C SER A 38 -30.67 53.18 12.13
N GLN A 39 -30.85 54.48 11.96
CA GLN A 39 -29.73 55.42 12.05
C GLN A 39 -29.15 55.52 13.48
N PRO A 40 -30.02 55.46 14.53
CA PRO A 40 -29.47 55.34 15.90
C PRO A 40 -28.63 54.09 16.13
N SER A 41 -29.09 52.93 15.65
CA SER A 41 -28.35 51.65 15.77
CA SER A 41 -28.41 51.67 15.78
C SER A 41 -26.99 51.67 15.06
N LEU A 42 -26.97 52.26 13.86
CA LEU A 42 -25.74 52.47 13.10
C LEU A 42 -24.72 53.25 13.96
N SER A 43 -25.17 54.40 14.44
CA SER A 43 -24.37 55.23 15.34
C SER A 43 -23.88 54.47 16.59
N GLN A 44 -24.78 53.72 17.22
CA GLN A 44 -24.44 52.94 18.41
C GLN A 44 -23.29 51.99 18.11
N ALA A 45 -23.41 51.25 17.01
CA ALA A 45 -22.38 50.26 16.63
C ALA A 45 -21.04 50.91 16.31
N LEU A 46 -21.07 52.04 15.62
CA LEU A 46 -19.83 52.76 15.31
C LEU A 46 -19.14 53.24 16.60
N VAL A 47 -19.93 53.84 17.49
CA VAL A 47 -19.39 54.39 18.76
C VAL A 47 -18.84 53.26 19.65
N ALA A 48 -19.49 52.10 19.59
CA ALA A 48 -19.00 50.96 20.36
C ALA A 48 -17.61 50.52 19.86
N LEU A 49 -17.47 50.50 18.53
CA LEU A 49 -16.21 50.18 17.88
C LEU A 49 -15.11 51.20 18.19
N GLU A 50 -15.40 52.49 18.02
CA GLU A 50 -14.42 53.53 18.32
C GLU A 50 -14.04 53.55 19.82
N THR A 51 -15.00 53.33 20.70
CA THR A 51 -14.69 53.29 22.14
C THR A 51 -13.88 52.03 22.51
N GLY A 52 -14.19 50.90 21.89
CA GLY A 52 -13.45 49.67 22.16
C GLY A 52 -11.99 49.76 21.69
N LEU A 53 -11.80 50.33 20.52
CA LEU A 53 -10.48 50.47 19.94
C LEU A 53 -9.70 51.63 20.57
N GLY A 54 -10.40 52.66 21.05
CA GLY A 54 -9.74 53.94 21.42
C GLY A 54 -9.25 54.74 20.22
N VAL A 55 -9.92 54.63 19.09
CA VAL A 55 -9.52 55.29 17.85
C VAL A 55 -10.74 55.89 17.17
N GLN A 56 -10.69 57.19 16.86
CA GLN A 56 -11.69 57.83 16.00
C GLN A 56 -11.43 57.36 14.57
N LEU A 57 -12.42 56.72 13.97
CA LEU A 57 -12.35 56.23 12.60
C LEU A 57 -13.04 57.16 11.61
N ILE A 58 -14.11 57.80 12.06
CA ILE A 58 -14.93 58.65 11.20
C ILE A 58 -15.11 60.03 11.83
N GLU A 59 -14.91 61.09 11.04
CA GLU A 59 -15.35 62.45 11.43
C GLU A 59 -16.73 62.74 10.87
N ARG A 60 -17.63 63.24 11.71
CA ARG A 60 -18.98 63.61 11.27
C ARG A 60 -19.14 65.14 11.20
N SER A 61 -19.56 65.64 10.03
CA SER A 61 -19.97 67.04 9.84
C SER A 61 -21.45 67.03 9.44
N THR A 62 -22.03 68.21 9.16
CA THR A 62 -23.47 68.31 8.85
C THR A 62 -23.87 67.57 7.57
N ARG A 63 -23.21 67.90 6.46
CA ARG A 63 -23.56 67.35 5.14
C ARG A 63 -22.73 66.12 4.77
N LYS A 64 -21.59 65.91 5.44
CA LYS A 64 -20.67 64.83 4.99
C LYS A 64 -19.85 64.17 6.09
N VAL A 65 -19.37 62.98 5.75
CA VAL A 65 -18.60 62.10 6.60
C VAL A 65 -17.23 61.89 5.96
N ILE A 66 -16.21 61.88 6.81
CA ILE A 66 -14.83 61.77 6.37
C ILE A 66 -14.15 60.71 7.23
N VAL A 67 -13.38 59.86 6.55
CA VAL A 67 -12.68 58.76 7.21
C VAL A 67 -11.36 59.37 7.72
N THR A 68 -11.04 59.15 8.98
CA THR A 68 -9.82 59.70 9.58
C THR A 68 -8.61 58.95 8.98
N PRO A 69 -7.38 59.50 9.13
CA PRO A 69 -6.20 58.74 8.69
C PRO A 69 -6.04 57.39 9.38
N ALA A 70 -6.36 57.32 10.68
CA ALA A 70 -6.37 56.06 11.41
C ALA A 70 -7.38 55.07 10.82
N GLY A 71 -8.54 55.59 10.41
CA GLY A 71 -9.57 54.81 9.76
C GLY A 71 -9.22 54.29 8.38
N GLU A 72 -8.59 55.13 7.56
CA GLU A 72 -8.13 54.71 6.22
C GLU A 72 -7.13 53.57 6.34
N LYS A 73 -6.26 53.64 7.35
CA LYS A 73 -5.26 52.58 7.60
C LYS A 73 -5.95 51.26 7.98
N LEU A 74 -7.01 51.34 8.80
CA LEU A 74 -7.75 50.16 9.31
C LEU A 74 -8.83 49.60 8.35
N LEU A 75 -9.26 50.41 7.39
CA LEU A 75 -10.35 50.05 6.47
C LEU A 75 -10.08 48.77 5.66
N PRO A 76 -8.89 48.64 5.03
CA PRO A 76 -8.66 47.39 4.30
C PRO A 76 -8.69 46.13 5.17
N PHE A 77 -8.29 46.25 6.45
CA PHE A 77 -8.31 45.11 7.36
C PHE A 77 -9.73 44.70 7.78
N ALA A 78 -10.59 45.70 8.04
CA ALA A 78 -12.02 45.45 8.32
C ALA A 78 -12.71 44.80 7.12
N LYS A 79 -12.45 45.35 5.94
CA LYS A 79 -12.98 44.85 4.67
C LYS A 79 -12.59 43.39 4.38
N SER A 80 -11.31 43.02 4.56
CA SER A 80 -10.89 41.61 4.45
C SER A 80 -11.55 40.68 5.49
N THR A 81 -11.79 41.19 6.70
CA THR A 81 -12.52 40.43 7.72
C THR A 81 -13.95 40.13 7.25
N LEU A 82 -14.63 41.13 6.72
CA LEU A 82 -16.00 40.95 6.19
C LEU A 82 -16.04 40.07 4.94
N ASP A 83 -15.06 40.23 4.05
CA ASP A 83 -14.94 39.40 2.85
CA ASP A 83 -14.94 39.40 2.85
C ASP A 83 -14.75 37.92 3.23
N ALA A 84 -13.89 37.64 4.21
CA ALA A 84 -13.69 36.26 4.69
C ALA A 84 -14.94 35.67 5.32
N ALA A 85 -15.70 36.48 6.05
CA ALA A 85 -16.95 36.03 6.66
C ALA A 85 -17.98 35.72 5.58
N GLU A 86 -18.08 36.59 4.57
CA GLU A 86 -18.97 36.36 3.43
C GLU A 86 -18.56 35.12 2.63
N SER A 87 -17.25 34.88 2.57
CA SER A 87 -16.71 33.73 1.87
C SER A 87 -17.09 32.42 2.58
N PHE A 88 -16.95 32.40 3.90
CA PHE A 88 -17.39 31.28 4.75
C PHE A 88 -18.84 30.93 4.46
N LEU A 89 -19.72 31.94 4.54
CA LEU A 89 -21.16 31.76 4.27
C LEU A 89 -21.45 31.23 2.86
N SER A 90 -20.77 31.82 1.87
CA SER A 90 -20.88 31.42 0.47
C SER A 90 -20.46 29.95 0.20
N HIS A 91 -19.41 29.50 0.87
CA HIS A 91 -18.97 28.11 0.77
C HIS A 91 -19.83 27.15 1.58
N ALA A 92 -20.55 27.64 2.58
CA ALA A 92 -21.47 26.80 3.38
C ALA A 92 -22.71 26.38 2.60
N LYS A 93 -23.04 27.09 1.54
CA LYS A 93 -24.09 26.64 0.60
C LYS A 93 -23.50 25.61 -0.39
N ASN A 96 -28.80 19.88 -0.56
CA ASN A 96 -30.23 20.11 -0.80
C ASN A 96 -30.89 18.83 -1.34
N GLY A 97 -30.76 17.76 -0.58
CA GLY A 97 -31.25 16.44 -0.97
C GLY A 97 -30.60 15.90 -2.25
N SER A 98 -29.28 15.98 -2.32
CA SER A 98 -28.51 15.38 -3.42
C SER A 98 -27.03 15.05 -3.07
N LEU A 99 -26.43 14.24 -3.94
CA LEU A 99 -25.06 13.74 -3.81
C LEU A 99 -24.08 14.74 -4.40
N THR A 100 -23.57 15.59 -3.53
CA THR A 100 -22.62 16.61 -3.91
C THR A 100 -21.54 16.67 -2.87
N GLY A 101 -20.40 17.24 -3.26
CA GLY A 101 -19.30 17.37 -2.35
C GLY A 101 -18.57 16.05 -2.03
N PRO A 102 -17.72 16.06 -1.00
CA PRO A 102 -16.88 14.92 -0.69
C PRO A 102 -17.68 13.73 -0.18
N LEU A 103 -17.37 12.55 -0.68
CA LEU A 103 -17.88 11.31 -0.12
C LEU A 103 -16.73 10.32 -0.05
N THR A 104 -16.30 10.00 1.17
CA THR A 104 -15.22 9.05 1.36
C THR A 104 -15.79 7.63 1.68
N VAL A 105 -15.49 6.68 0.79
CA VAL A 105 -16.06 5.34 0.84
C VAL A 105 -15.00 4.26 1.10
N GLY A 106 -15.17 3.48 2.17
CA GLY A 106 -14.39 2.25 2.37
C GLY A 106 -15.00 1.08 1.61
N ILE A 107 -14.21 0.25 0.94
CA ILE A 107 -14.73 -0.94 0.23
C ILE A 107 -13.82 -2.12 0.52
N ILE A 108 -14.41 -3.26 0.85
CA ILE A 108 -13.65 -4.48 1.11
C ILE A 108 -12.92 -4.98 -0.15
N PRO A 109 -11.75 -5.64 0.03
CA PRO A 109 -10.91 -6.04 -1.13
C PRO A 109 -11.53 -7.07 -2.09
N THR A 110 -12.44 -7.92 -1.63
CA THR A 110 -13.08 -8.91 -2.52
C THR A 110 -14.32 -8.41 -3.25
N ALA A 111 -14.69 -7.13 -3.01
CA ALA A 111 -15.74 -6.48 -3.76
C ALA A 111 -15.20 -5.36 -4.65
N ALA A 112 -14.32 -4.52 -4.10
CA ALA A 112 -13.81 -3.35 -4.77
C ALA A 112 -13.39 -3.50 -6.24
N PRO A 113 -12.53 -4.47 -6.60
CA PRO A 113 -11.99 -4.51 -7.98
C PRO A 113 -13.03 -4.70 -9.07
N TYR A 114 -14.10 -5.39 -8.71
CA TYR A 114 -15.06 -5.90 -9.67
C TYR A 114 -16.24 -4.92 -9.88
N ILE A 115 -16.46 -3.98 -8.94
CA ILE A 115 -17.48 -2.94 -9.10
C ILE A 115 -16.93 -1.50 -9.20
N LEU A 116 -15.63 -1.29 -8.90
CA LEU A 116 -15.11 0.09 -8.73
C LEU A 116 -15.15 0.90 -10.05
N PRO A 117 -14.73 0.28 -11.17
CA PRO A 117 -14.83 1.00 -12.44
C PRO A 117 -16.24 1.40 -12.86
N SER A 118 -17.23 0.52 -12.72
CA SER A 118 -18.63 0.92 -12.97
C SER A 118 -19.08 2.08 -12.08
N LEU A 120 -17.34 4.36 -10.44
CA LEU A 120 -16.67 5.62 -10.74
C LEU A 120 -17.14 6.25 -12.05
N SER A 121 -17.35 5.39 -13.05
CA SER A 121 -17.93 5.82 -14.32
C SER A 121 -19.34 6.45 -14.16
N ILE A 122 -20.23 5.77 -13.45
CA ILE A 122 -21.55 6.31 -13.12
C ILE A 122 -21.47 7.67 -12.35
N VAL A 123 -20.63 7.75 -11.32
CA VAL A 123 -20.44 9.01 -10.60
C VAL A 123 -19.94 10.12 -11.53
N ASP A 124 -18.91 9.84 -12.31
CA ASP A 124 -18.35 10.81 -13.22
C ASP A 124 -19.34 11.32 -14.27
N GLU A 125 -20.15 10.42 -14.83
CA GLU A 125 -21.11 10.78 -15.85
C GLU A 125 -22.40 11.40 -15.29
N GLU A 126 -22.94 10.86 -14.21
CA GLU A 126 -24.30 11.20 -13.78
C GLU A 126 -24.40 12.00 -12.50
N TYR A 127 -23.32 12.05 -11.71
CA TYR A 127 -23.26 12.79 -10.45
C TYR A 127 -22.03 13.72 -10.48
N PRO A 128 -22.03 14.69 -11.40
CA PRO A 128 -20.82 15.45 -11.66
C PRO A 128 -20.30 16.28 -10.49
N ASP A 129 -21.16 16.63 -9.53
CA ASP A 129 -20.77 17.39 -8.33
C ASP A 129 -20.29 16.55 -7.14
N LEU A 130 -20.43 15.23 -7.25
CA LEU A 130 -19.95 14.35 -6.19
C LEU A 130 -18.44 14.23 -6.34
N GLU A 131 -17.75 14.21 -5.22
CA GLU A 131 -16.31 14.12 -5.17
C GLU A 131 -15.97 12.83 -4.41
N PRO A 132 -15.87 11.70 -5.13
CA PRO A 132 -15.70 10.42 -4.42
C PRO A 132 -14.25 10.21 -4.00
N HIS A 133 -14.05 9.66 -2.79
CA HIS A 133 -12.73 9.24 -2.34
C HIS A 133 -12.82 7.81 -1.85
N ILE A 134 -12.02 6.90 -2.42
CA ILE A 134 -12.13 5.49 -2.14
C ILE A 134 -10.93 5.00 -1.36
N VAL A 135 -11.22 4.26 -0.29
CA VAL A 135 -10.26 3.55 0.51
C VAL A 135 -10.63 2.06 0.42
N GLU A 136 -9.72 1.24 -0.05
CA GLU A 136 -9.92 -0.20 -0.11
CA GLU A 136 -9.93 -0.20 -0.11
C GLU A 136 -9.07 -0.85 0.97
N ASP A 137 -9.71 -1.59 1.88
CA ASP A 137 -9.00 -2.29 2.94
C ASP A 137 -9.88 -3.36 3.63
N GLN A 138 -9.27 -4.15 4.49
CA GLN A 138 -9.94 -5.24 5.19
C GLN A 138 -11.04 -4.68 6.10
N THR A 139 -12.07 -5.48 6.32
CA THR A 139 -13.23 -5.10 7.13
C THR A 139 -12.88 -4.41 8.47
N LYS A 140 -12.00 -5.01 9.24
CA LYS A 140 -11.65 -4.48 10.55
C LYS A 140 -11.01 -3.09 10.46
N HIS A 141 -10.18 -2.86 9.45
CA HIS A 141 -9.55 -1.56 9.26
C HIS A 141 -10.61 -0.54 8.84
N LEU A 142 -11.53 -0.94 7.95
CA LEU A 142 -12.61 -0.05 7.49
C LEU A 142 -13.49 0.42 8.64
N LEU A 143 -13.83 -0.50 9.54
CA LEU A 143 -14.63 -0.14 10.69
C LEU A 143 -13.89 0.80 11.65
N ALA A 144 -12.59 0.56 11.88
CA ALA A 144 -11.79 1.51 12.66
C ALA A 144 -11.79 2.91 12.03
N LEU A 145 -11.61 2.99 10.71
CA LEU A 145 -11.64 4.27 10.00
C LEU A 145 -13.03 4.95 10.06
N LEU A 146 -14.08 4.14 9.92
CA LEU A 146 -15.45 4.63 10.02
C LEU A 146 -15.71 5.25 11.40
N ARG A 147 -15.37 4.49 12.41
CA ARG A 147 -15.53 4.92 13.81
C ARG A 147 -14.83 6.26 14.07
N ASP A 148 -13.64 6.43 13.51
CA ASP A 148 -12.82 7.62 13.76
C ASP A 148 -13.09 8.78 12.80
N GLY A 149 -14.05 8.62 11.88
CA GLY A 149 -14.40 9.64 10.92
C GLY A 149 -13.50 9.79 9.71
N ALA A 150 -12.52 8.91 9.56
CA ALA A 150 -11.63 8.95 8.39
C ALA A 150 -12.32 8.45 7.10
N ILE A 151 -13.40 7.67 7.22
CA ILE A 151 -14.34 7.45 6.11
C ILE A 151 -15.75 7.79 6.54
N ASP A 152 -16.64 7.98 5.57
CA ASP A 152 -18.05 8.34 5.83
C ASP A 152 -18.95 7.10 5.87
N VAL A 153 -18.60 6.11 5.03
CA VAL A 153 -19.39 4.93 4.82
C VAL A 153 -18.49 3.78 4.34
N ALA A 154 -18.86 2.56 4.70
CA ALA A 154 -18.08 1.37 4.36
C ALA A 154 -18.99 0.38 3.63
N MET A 155 -18.52 -0.14 2.50
CA MET A 155 -19.24 -1.15 1.74
C MET A 155 -18.60 -2.48 2.14
N MET A 156 -19.39 -3.37 2.73
CA MET A 156 -18.87 -4.59 3.33
C MET A 156 -19.96 -5.66 3.50
N ALA A 157 -19.57 -6.83 3.98
CA ALA A 157 -20.53 -7.94 4.25
C ALA A 157 -21.32 -7.66 5.51
N LEU A 158 -22.62 -7.85 5.46
CA LEU A 158 -23.50 -7.74 6.61
C LEU A 158 -23.76 -9.12 7.15
N PRO A 159 -24.03 -9.24 8.45
CA PRO A 159 -24.08 -8.15 9.43
C PRO A 159 -22.68 -7.65 9.75
N SER A 160 -22.58 -6.37 10.04
CA SER A 160 -21.31 -5.75 10.43
C SER A 160 -21.01 -6.07 11.87
N GLU A 161 -22.07 -6.10 12.70
CA GLU A 161 -21.96 -6.33 14.15
C GLU A 161 -21.11 -5.27 14.83
N ALA A 162 -21.16 -4.06 14.29
CA ALA A 162 -20.40 -2.92 14.82
C ALA A 162 -21.34 -2.01 15.62
N PRO A 163 -21.00 -1.75 16.89
CA PRO A 163 -21.75 -0.78 17.72
C PRO A 163 -21.84 0.62 17.13
N GLY A 164 -23.06 1.18 17.14
CA GLY A 164 -23.29 2.58 16.79
C GLY A 164 -23.38 2.85 15.31
N MET A 165 -23.53 1.79 14.52
CA MET A 165 -23.57 1.87 13.07
C MET A 165 -24.96 1.49 12.57
N LYS A 166 -25.30 2.03 11.41
CA LYS A 166 -26.54 1.70 10.71
C LYS A 166 -26.16 1.01 9.42
N GLU A 167 -27.05 0.18 8.89
CA GLU A 167 -26.77 -0.62 7.71
C GLU A 167 -27.79 -0.36 6.64
N ILE A 168 -27.33 -0.21 5.41
CA ILE A 168 -28.21 -0.19 4.27
C ILE A 168 -27.88 -1.45 3.45
N PRO A 169 -28.82 -2.41 3.33
CA PRO A 169 -28.55 -3.55 2.45
C PRO A 169 -28.49 -3.16 0.99
N LEU A 170 -27.53 -3.71 0.25
CA LEU A 170 -27.39 -3.42 -1.17
C LEU A 170 -27.89 -4.59 -2.03
N TYR A 171 -27.36 -5.78 -1.78
CA TYR A 171 -27.61 -6.94 -2.61
C TYR A 171 -27.02 -8.24 -2.03
N ASP A 172 -27.60 -9.36 -2.45
CA ASP A 172 -27.03 -10.67 -2.22
C ASP A 172 -26.25 -11.07 -3.44
N GLU A 173 -25.02 -11.51 -3.24
CA GLU A 173 -24.12 -11.91 -4.32
C GLU A 173 -23.80 -13.37 -4.14
N ASP A 174 -24.10 -14.16 -5.15
CA ASP A 174 -23.79 -15.57 -5.14
C ASP A 174 -22.30 -15.80 -5.30
N PHE A 175 -21.85 -16.98 -4.88
CA PHE A 175 -20.53 -17.48 -5.17
C PHE A 175 -20.62 -18.56 -6.24
N ILE A 176 -19.49 -18.81 -6.88
CA ILE A 176 -19.33 -19.92 -7.83
C ILE A 176 -18.20 -20.78 -7.28
N VAL A 177 -18.20 -22.05 -7.59
CA VAL A 177 -17.11 -22.93 -7.18
C VAL A 177 -16.08 -22.89 -8.30
N VAL A 178 -14.81 -22.79 -7.91
CA VAL A 178 -13.71 -22.77 -8.86
C VAL A 178 -12.73 -23.87 -8.50
N THR A 179 -12.45 -24.75 -9.46
CA THR A 179 -11.50 -25.86 -9.32
C THR A 179 -10.41 -25.77 -10.39
N ALA A 180 -9.41 -26.64 -10.28
CA ALA A 180 -8.52 -26.91 -11.41
C ALA A 180 -9.32 -27.54 -12.55
N SER A 181 -8.85 -27.30 -13.77
CA SER A 181 -9.47 -27.85 -15.01
C SER A 181 -9.75 -29.35 -14.94
N ASP A 182 -8.80 -30.10 -14.39
CA ASP A 182 -8.89 -31.57 -14.34
C ASP A 182 -9.72 -32.14 -13.16
N HIS A 183 -10.20 -31.28 -12.27
CA HIS A 183 -10.98 -31.74 -11.12
C HIS A 183 -12.29 -32.43 -11.57
N PRO A 184 -12.67 -33.54 -10.89
CA PRO A 184 -13.87 -34.27 -11.33
C PRO A 184 -15.20 -33.52 -11.20
N PHE A 185 -15.27 -32.47 -10.40
CA PHE A 185 -16.44 -31.59 -10.35
C PHE A 185 -16.52 -30.49 -11.44
N ALA A 186 -15.49 -30.31 -12.26
CA ALA A 186 -15.54 -29.39 -13.39
C ALA A 186 -16.86 -29.47 -14.13
N GLY A 187 -17.51 -28.31 -14.30
CA GLY A 187 -18.75 -28.23 -15.08
C GLY A 187 -20.04 -28.62 -14.38
N ARG A 188 -19.97 -29.22 -13.19
CA ARG A 188 -21.17 -29.64 -12.47
C ARG A 188 -21.97 -28.43 -12.03
N GLN A 189 -23.29 -28.54 -12.12
CA GLN A 189 -24.22 -27.49 -11.71
C GLN A 189 -25.20 -27.90 -10.60
N ASP A 190 -25.02 -29.10 -10.04
CA ASP A 190 -25.97 -29.67 -9.06
C ASP A 190 -25.32 -30.12 -7.74
N LEU A 191 -24.23 -29.50 -7.34
CA LEU A 191 -23.50 -29.93 -6.16
C LEU A 191 -24.31 -29.67 -4.90
N GLU A 192 -24.15 -30.58 -3.94
CA GLU A 192 -24.71 -30.43 -2.60
CA GLU A 192 -24.74 -30.45 -2.61
C GLU A 192 -23.65 -29.96 -1.66
N LEU A 193 -24.02 -29.54 -0.45
CA LEU A 193 -23.04 -29.10 0.54
C LEU A 193 -22.03 -30.19 0.90
N SER A 194 -22.47 -31.43 0.94
CA SER A 194 -21.53 -32.55 1.11
C SER A 194 -20.33 -32.56 0.15
N ALA A 195 -20.49 -31.99 -1.04
CA ALA A 195 -19.39 -31.90 -2.01
C ALA A 195 -18.15 -31.15 -1.46
N LEU A 196 -18.35 -30.29 -0.47
CA LEU A 196 -17.24 -29.57 0.18
C LEU A 196 -16.16 -30.46 0.74
N GLU A 197 -16.57 -31.61 1.25
CA GLU A 197 -15.63 -32.60 1.81
C GLU A 197 -14.67 -33.20 0.77
N ASP A 198 -14.96 -33.06 -0.51
CA ASP A 198 -14.13 -33.60 -1.59
C ASP A 198 -13.21 -32.57 -2.25
N LEU A 199 -13.25 -31.33 -1.80
CA LEU A 199 -12.39 -30.24 -2.32
C LEU A 199 -11.45 -29.90 -1.17
N ASP A 200 -10.21 -29.52 -1.43
CA ASP A 200 -9.31 -28.99 -0.39
C ASP A 200 -9.60 -27.50 -0.51
N LEU A 201 -10.61 -27.02 0.23
CA LEU A 201 -11.05 -25.65 0.12
C LEU A 201 -10.03 -24.68 0.73
N LEU A 202 -9.66 -23.66 -0.03
CA LEU A 202 -8.98 -22.52 0.56
C LEU A 202 -9.95 -21.39 0.43
N LEU A 203 -10.46 -20.90 1.56
CA LEU A 203 -11.46 -19.84 1.55
C LEU A 203 -10.87 -18.56 2.08
N LEU A 204 -11.39 -17.44 1.61
CA LEU A 204 -11.08 -16.12 2.12
C LEU A 204 -12.18 -15.65 3.06
N ASP A 205 -11.84 -14.70 3.92
CA ASP A 205 -12.81 -14.05 4.78
C ASP A 205 -13.55 -12.94 3.99
N ASP A 206 -14.50 -13.39 3.15
CA ASP A 206 -15.18 -12.61 2.13
C ASP A 206 -16.71 -12.54 2.34
N GLY A 207 -17.17 -12.95 3.51
CA GLY A 207 -18.57 -12.89 3.85
C GLY A 207 -19.42 -14.04 3.32
N HIS A 208 -18.79 -15.08 2.77
CA HIS A 208 -19.56 -16.24 2.25
C HIS A 208 -20.49 -16.85 3.29
N CYS A 209 -21.70 -17.17 2.87
CA CYS A 209 -22.71 -17.77 3.72
C CYS A 209 -23.22 -19.02 3.01
N LEU A 210 -22.89 -20.19 3.57
CA LEU A 210 -23.25 -21.48 2.99
C LEU A 210 -24.21 -22.24 3.88
N HIS A 211 -25.36 -22.60 3.35
CA HIS A 211 -26.33 -23.46 4.05
C HIS A 211 -27.33 -24.06 3.05
N ASP A 212 -27.95 -25.15 3.47
CA ASP A 212 -29.15 -25.71 2.85
C ASP A 212 -30.16 -25.95 3.97
N GLN A 213 -31.26 -26.66 3.68
CA GLN A 213 -32.36 -26.82 4.65
C GLN A 213 -32.02 -27.67 5.90
N ILE A 214 -30.93 -28.43 5.84
CA ILE A 214 -30.51 -29.34 6.91
C ILE A 214 -29.23 -28.89 7.66
N VAL A 215 -28.23 -28.40 6.92
CA VAL A 215 -26.91 -28.03 7.46
C VAL A 215 -26.70 -26.51 7.32
N ASP A 216 -26.26 -25.87 8.41
CA ASP A 216 -25.92 -24.44 8.39
C ASP A 216 -24.42 -24.28 8.72
N LEU A 217 -23.65 -23.87 7.72
CA LEU A 217 -22.21 -23.56 7.89
C LEU A 217 -21.96 -22.06 7.93
N CYS A 218 -23.04 -21.28 7.89
CA CYS A 218 -22.97 -19.85 7.96
C CYS A 218 -22.91 -19.47 9.44
N ARG A 219 -21.73 -19.66 10.04
CA ARG A 219 -21.51 -19.51 11.50
C ARG A 219 -20.01 -19.59 11.81
N THR A 230 -4.36 -27.43 3.04
CA THR A 230 -3.32 -27.15 2.07
C THR A 230 -2.06 -26.61 2.78
N ALA A 231 -0.97 -26.45 2.06
CA ALA A 231 0.24 -25.80 2.59
C ALA A 231 -0.01 -24.34 3.03
N VAL A 232 -1.01 -23.70 2.40
CA VAL A 232 -1.42 -22.33 2.74
C VAL A 232 -2.53 -22.34 3.79
N THR A 233 -2.14 -22.12 5.03
CA THR A 233 -3.04 -21.94 6.17
C THR A 233 -4.12 -20.89 5.93
N ARG A 234 -3.74 -19.72 5.43
CA ARG A 234 -4.69 -18.66 5.13
C ARG A 234 -4.08 -17.60 4.22
N ALA A 235 -4.89 -17.14 3.26
CA ALA A 235 -4.57 -16.09 2.33
C ALA A 235 -5.46 -14.90 2.60
N SER A 236 -5.00 -13.70 2.34
CA SER A 236 -5.86 -12.52 2.33
C SER A 236 -6.25 -12.08 0.93
N SER A 237 -5.59 -12.64 -0.09
CA SER A 237 -5.83 -12.29 -1.46
C SER A 237 -6.31 -13.49 -2.28
N LEU A 238 -7.32 -13.24 -3.10
CA LEU A 238 -7.82 -14.20 -4.08
C LEU A 238 -6.75 -14.64 -5.09
N THR A 239 -5.78 -13.77 -5.39
CA THR A 239 -4.69 -14.08 -6.29
C THR A 239 -3.80 -15.24 -5.80
N THR A 240 -3.45 -15.22 -4.53
CA THR A 240 -2.75 -16.31 -3.88
C THR A 240 -3.55 -17.63 -4.00
N VAL A 241 -4.85 -17.56 -3.72
CA VAL A 241 -5.74 -18.72 -3.80
C VAL A 241 -5.85 -19.29 -5.25
N MET A 242 -6.07 -18.41 -6.23
CA MET A 242 -6.17 -18.83 -7.64
C MET A 242 -4.91 -19.49 -8.16
N GLN A 243 -3.77 -18.95 -7.74
CA GLN A 243 -2.49 -19.57 -7.99
C GLN A 243 -2.44 -21.03 -7.54
N LEU A 244 -2.87 -21.25 -6.30
CA LEU A 244 -2.92 -22.59 -5.74
C LEU A 244 -3.94 -23.50 -6.45
N VAL A 245 -5.07 -22.93 -6.86
CA VAL A 245 -6.08 -23.68 -7.62
C VAL A 245 -5.59 -24.11 -9.01
N VAL A 246 -4.98 -23.19 -9.76
CA VAL A 246 -4.41 -23.53 -11.07
C VAL A 246 -3.37 -24.63 -10.93
N ALA A 247 -2.53 -24.55 -9.91
CA ALA A 247 -1.50 -25.57 -9.61
C ALA A 247 -2.03 -26.92 -9.08
N GLY A 248 -3.34 -27.05 -8.86
CA GLY A 248 -3.95 -28.32 -8.46
C GLY A 248 -3.97 -28.58 -6.97
N LEU A 249 -3.64 -27.56 -6.17
CA LEU A 249 -3.45 -27.71 -4.73
C LEU A 249 -4.67 -27.28 -3.89
N GLY A 250 -5.81 -27.04 -4.51
CA GLY A 250 -6.96 -26.51 -3.80
C GLY A 250 -8.08 -26.17 -4.75
N SER A 251 -9.26 -25.92 -4.17
CA SER A 251 -10.37 -25.35 -4.91
C SER A 251 -10.88 -24.20 -4.06
N THR A 252 -11.77 -23.37 -4.58
CA THR A 252 -12.26 -22.25 -3.78
C THR A 252 -13.63 -21.75 -4.21
N LEU A 253 -14.12 -20.75 -3.48
CA LEU A 253 -15.37 -20.04 -3.79
C LEU A 253 -15.04 -18.63 -4.20
N VAL A 254 -15.65 -18.16 -5.28
CA VAL A 254 -15.37 -16.83 -5.85
C VAL A 254 -16.72 -16.11 -6.01
N PRO A 255 -16.84 -14.84 -5.55
CA PRO A 255 -18.04 -14.08 -5.83
C PRO A 255 -18.23 -13.94 -7.35
N ILE A 256 -19.49 -14.02 -7.80
CA ILE A 256 -19.77 -13.99 -9.24
C ILE A 256 -19.30 -12.71 -9.96
N SER A 257 -19.28 -11.58 -9.26
CA SER A 257 -18.77 -10.34 -9.83
C SER A 257 -17.30 -10.44 -10.27
N ALA A 258 -16.56 -11.36 -9.65
CA ALA A 258 -15.16 -11.58 -9.98
C ALA A 258 -14.95 -12.57 -11.12
N ILE A 259 -16.02 -13.11 -11.70
CA ILE A 259 -15.84 -14.17 -12.71
C ILE A 259 -15.05 -13.68 -13.97
N PRO A 260 -15.43 -12.53 -14.57
CA PRO A 260 -14.71 -12.14 -15.77
C PRO A 260 -13.23 -11.94 -15.53
N TRP A 261 -12.85 -11.32 -14.42
CA TRP A 261 -11.45 -11.04 -14.15
C TRP A 261 -10.67 -12.27 -13.70
N GLU A 262 -11.27 -13.09 -12.85
CA GLU A 262 -10.58 -14.21 -12.13
C GLU A 262 -10.77 -15.59 -12.71
N CYS A 263 -11.92 -15.87 -13.32
CA CYS A 263 -12.31 -17.27 -13.69
C CYS A 263 -12.32 -17.59 -15.17
N THR A 264 -11.65 -16.81 -16.00
CA THR A 264 -11.63 -17.06 -17.44
C THR A 264 -10.25 -17.45 -17.98
N ARG A 265 -9.22 -17.38 -17.15
CA ARG A 265 -7.87 -17.82 -17.49
C ARG A 265 -7.76 -19.35 -17.64
N PRO A 266 -6.77 -19.83 -18.42
CA PRO A 266 -6.58 -21.29 -18.50
C PRO A 266 -6.15 -21.93 -17.17
N GLY A 267 -6.42 -23.22 -17.03
CA GLY A 267 -6.12 -23.97 -15.83
C GLY A 267 -7.25 -24.03 -14.80
N LEU A 268 -8.36 -23.32 -15.04
CA LEU A 268 -9.49 -23.27 -14.12
C LEU A 268 -10.75 -23.82 -14.76
N ALA A 269 -11.63 -24.38 -13.92
CA ALA A 269 -12.99 -24.71 -14.30
C ALA A 269 -13.92 -24.24 -13.19
N THR A 270 -15.20 -24.18 -13.47
CA THR A 270 -16.18 -23.77 -12.51
C THR A 270 -17.28 -24.82 -12.34
N ALA A 271 -17.91 -24.76 -11.17
CA ALA A 271 -19.07 -25.56 -10.84
C ALA A 271 -20.01 -24.72 -9.98
N ASN A 272 -21.24 -25.22 -9.77
CA ASN A 272 -22.21 -24.56 -8.88
C ASN A 272 -22.96 -25.55 -8.03
N PHE A 273 -23.39 -25.07 -6.88
CA PHE A 273 -24.32 -25.79 -6.05
C PHE A 273 -25.72 -25.73 -6.64
N ASN A 274 -26.53 -26.70 -6.23
CA ASN A 274 -27.90 -26.82 -6.71
CA ASN A 274 -27.90 -26.81 -6.72
C ASN A 274 -28.77 -25.69 -6.14
N SER A 275 -29.95 -25.52 -6.73
CA SER A 275 -30.96 -24.57 -6.28
C SER A 275 -31.23 -24.55 -4.78
N ASP A 276 -31.19 -25.69 -4.12
CA ASP A 276 -31.53 -25.77 -2.68
C ASP A 276 -30.40 -25.29 -1.77
N VAL A 277 -29.19 -25.14 -2.31
CA VAL A 277 -28.09 -24.61 -1.50
C VAL A 277 -28.06 -23.10 -1.63
N THR A 278 -27.88 -22.44 -0.49
CA THR A 278 -27.57 -21.02 -0.48
C THR A 278 -26.04 -20.90 -0.38
N ALA A 279 -25.44 -20.20 -1.32
CA ALA A 279 -24.00 -19.92 -1.23
C ALA A 279 -23.82 -18.49 -1.75
N ASN A 280 -23.97 -17.53 -0.84
CA ASN A 280 -23.95 -16.13 -1.18
C ASN A 280 -23.33 -15.25 -0.08
N ARG A 281 -23.37 -13.93 -0.28
CA ARG A 281 -22.99 -12.96 0.77
C ARG A 281 -23.90 -11.75 0.65
N ARG A 282 -24.23 -11.15 1.78
CA ARG A 282 -25.08 -9.97 1.82
C ARG A 282 -24.15 -8.75 1.89
N ILE A 283 -24.08 -7.97 0.82
CA ILE A 283 -23.27 -6.77 0.79
C ILE A 283 -24.15 -5.60 1.22
N GLY A 284 -23.59 -4.70 2.02
CA GLY A 284 -24.30 -3.52 2.53
C GLY A 284 -23.42 -2.30 2.71
N LEU A 285 -24.04 -1.16 2.94
CA LEU A 285 -23.32 0.08 3.29
C LEU A 285 -23.48 0.27 4.80
N VAL A 286 -22.39 0.49 5.52
CA VAL A 286 -22.49 0.75 6.95
C VAL A 286 -21.98 2.15 7.31
N TYR A 287 -22.72 2.87 8.13
CA TYR A 287 -22.34 4.25 8.48
C TYR A 287 -22.64 4.55 9.95
N ARG A 288 -22.08 5.64 10.46
CA ARG A 288 -22.27 6.02 11.88
C ARG A 288 -23.68 6.55 12.10
N SER A 289 -24.39 6.03 13.10
CA SER A 289 -25.69 6.62 13.58
C SER A 289 -25.69 8.13 13.80
N SER A 290 -24.55 8.66 14.20
CA SER A 290 -24.41 10.09 14.44
C SER A 290 -24.42 10.96 13.17
N SER A 291 -24.30 10.35 11.98
CA SER A 291 -24.35 11.10 10.70
C SER A 291 -25.72 11.62 10.37
N SER A 292 -25.79 12.84 9.84
CA SER A 292 -27.03 13.38 9.29
C SER A 292 -27.18 13.01 7.78
N ARG A 293 -26.28 12.22 7.24
CA ARG A 293 -26.22 12.05 5.79
C ARG A 293 -26.93 10.80 5.23
N ALA A 294 -27.83 10.19 6.01
CA ALA A 294 -28.59 9.01 5.57
C ALA A 294 -29.13 9.15 4.19
N GLU A 295 -29.72 10.29 3.86
CA GLU A 295 -30.28 10.46 2.51
C GLU A 295 -29.22 10.38 1.41
N GLU A 296 -28.07 11.02 1.62
CA GLU A 296 -26.99 10.90 0.65
C GLU A 296 -26.52 9.45 0.48
N PHE A 297 -26.37 8.76 1.60
CA PHE A 297 -25.92 7.38 1.57
C PHE A 297 -26.90 6.47 0.83
N GLU A 298 -28.21 6.70 0.99
CA GLU A 298 -29.23 5.93 0.30
C GLU A 298 -29.13 6.15 -1.20
N GLN A 299 -28.90 7.40 -1.59
CA GLN A 299 -28.71 7.71 -3.01
CA GLN A 299 -28.71 7.71 -3.01
C GLN A 299 -27.45 7.03 -3.55
N PHE A 300 -26.38 7.00 -2.76
CA PHE A 300 -25.17 6.32 -3.15
C PHE A 300 -25.35 4.78 -3.29
N ALA A 301 -26.18 4.22 -2.42
CA ALA A 301 -26.57 2.80 -2.47
C ALA A 301 -27.13 2.40 -3.84
N LEU A 302 -27.93 3.30 -4.43
CA LEU A 302 -28.56 3.04 -5.73
C LEU A 302 -27.49 2.89 -6.80
N ILE A 303 -26.44 3.74 -6.72
CA ILE A 303 -25.31 3.65 -7.64
C ILE A 303 -24.60 2.30 -7.49
N LEU A 304 -24.38 1.87 -6.25
CA LEU A 304 -23.67 0.63 -6.02
C LEU A 304 -24.44 -0.62 -6.51
N GLN A 305 -25.77 -0.55 -6.35
CA GLN A 305 -26.63 -1.62 -6.85
C GLN A 305 -26.54 -1.75 -8.36
N ARG A 306 -26.51 -0.60 -9.06
CA ARG A 306 -26.33 -0.60 -10.51
C ARG A 306 -24.98 -1.14 -10.88
N ALA A 307 -23.94 -0.69 -10.22
CA ALA A 307 -22.60 -1.17 -10.48
C ALA A 307 -22.49 -2.69 -10.34
N PHE A 308 -23.10 -3.23 -9.30
CA PHE A 308 -23.15 -4.68 -9.13
C PHE A 308 -23.93 -5.35 -10.26
N GLN A 309 -25.07 -4.81 -10.65
CA GLN A 309 -25.85 -5.40 -11.75
C GLN A 309 -25.05 -5.39 -13.04
N GLU A 310 -24.25 -4.34 -13.28
CA GLU A 310 -23.35 -4.34 -14.44
C GLU A 310 -22.29 -5.45 -14.35
N ALA A 311 -21.78 -5.70 -13.16
CA ALA A 311 -20.79 -6.75 -12.94
C ALA A 311 -21.41 -8.15 -13.17
N VAL A 312 -22.64 -8.32 -12.74
CA VAL A 312 -23.39 -9.56 -12.92
C VAL A 312 -23.63 -9.84 -14.41
N ALA A 313 -24.06 -8.81 -15.16
CA ALA A 313 -24.22 -8.98 -16.60
C ALA A 313 -22.90 -9.28 -17.30
N LEU A 314 -21.82 -8.63 -16.87
CA LEU A 314 -20.49 -8.99 -17.38
C LEU A 314 -20.13 -10.47 -17.09
N ALA A 315 -20.44 -10.93 -15.88
CA ALA A 315 -20.19 -12.34 -15.54
C ALA A 315 -20.99 -13.25 -16.45
N ALA A 316 -22.27 -12.90 -16.68
CA ALA A 316 -23.15 -13.72 -17.51
C ALA A 316 -22.69 -13.77 -18.97
N SER A 317 -22.16 -12.65 -19.44
CA SER A 317 -21.71 -12.55 -20.82
C SER A 317 -20.46 -13.40 -21.11
N THR A 318 -19.77 -13.90 -20.08
CA THR A 318 -18.62 -14.82 -20.31
C THR A 318 -19.06 -16.22 -20.80
N GLY A 319 -20.34 -16.54 -20.67
CA GLY A 319 -20.84 -17.86 -21.03
C GLY A 319 -20.68 -18.90 -19.94
N ILE A 320 -20.07 -18.54 -18.82
CA ILE A 320 -19.95 -19.42 -17.65
C ILE A 320 -21.30 -19.46 -16.98
N THR A 321 -21.71 -20.65 -16.53
CA THR A 321 -23.06 -20.84 -16.00
C THR A 321 -23.07 -20.38 -14.56
N LEU A 322 -24.03 -19.53 -14.23
CA LEU A 322 -24.14 -18.98 -12.89
C LEU A 322 -25.10 -19.81 -12.03
N LYS A 323 -24.97 -19.65 -10.72
CA LYS A 323 -25.85 -20.27 -9.76
C LYS A 323 -27.32 -19.93 -10.04
N GLN A 324 -28.18 -20.95 -9.97
CA GLN A 324 -29.64 -20.79 -9.97
C GLN A 324 -30.16 -20.90 -8.53
N ASN A 325 -31.14 -20.06 -8.17
CA ASN A 325 -31.73 -20.07 -6.82
C ASN A 325 -33.23 -20.32 -6.85
N VAL A 326 -33.79 -20.81 -5.74
CA VAL A 326 -35.24 -20.85 -5.51
C VAL A 326 -35.67 -19.48 -4.98
N ALA A 327 -36.97 -19.29 -4.71
CA ALA A 327 -37.50 -18.04 -4.14
C ALA A 327 -37.34 -16.85 -5.10
N GLY B 1 58.16 8.49 -2.81
CA GLY B 1 58.16 7.47 -1.72
C GLY B 1 58.70 6.13 -2.20
N SER B 2 59.18 5.31 -1.26
CA SER B 2 59.68 3.95 -1.57
C SER B 2 59.02 2.88 -0.68
N HIS B 3 57.84 3.19 -0.12
CA HIS B 3 57.07 2.24 0.69
C HIS B 3 55.63 2.15 0.14
N MET B 4 55.57 1.96 -1.20
CA MET B 4 54.32 1.88 -1.95
C MET B 4 53.89 0.41 -2.16
N SER B 5 53.16 0.11 -3.24
CA SER B 5 52.49 -1.19 -3.39
C SER B 5 53.45 -2.39 -3.51
N ASN B 6 53.16 -3.45 -2.77
CA ASN B 6 53.92 -4.70 -2.77
C ASN B 6 53.37 -5.63 -3.87
N LYS B 7 54.20 -6.03 -4.83
CA LYS B 7 53.73 -6.70 -6.07
C LYS B 7 53.15 -8.12 -5.87
N GLU B 8 53.89 -9.00 -5.19
CA GLU B 8 53.44 -10.39 -4.94
C GLU B 8 52.35 -10.50 -3.84
N TYR B 9 52.08 -9.42 -3.10
CA TYR B 9 51.11 -9.48 -2.01
C TYR B 9 49.69 -9.70 -2.50
N ARG B 10 48.99 -10.60 -1.82
CA ARG B 10 47.57 -10.85 -2.01
C ARG B 10 46.90 -10.75 -0.65
N PRO B 11 45.81 -9.98 -0.53
CA PRO B 11 45.14 -9.91 0.78
C PRO B 11 44.42 -11.21 1.13
N THR B 12 44.42 -11.54 2.41
CA THR B 12 43.69 -12.69 2.94
C THR B 12 42.33 -12.24 3.47
N LEU B 13 41.39 -13.18 3.57
CA LEU B 13 40.06 -12.87 4.12
C LEU B 13 40.15 -12.39 5.57
N ALA B 14 41.07 -12.94 6.36
CA ALA B 14 41.23 -12.51 7.76
C ALA B 14 41.68 -11.04 7.80
N GLN B 15 42.58 -10.66 6.89
CA GLN B 15 42.98 -9.26 6.80
C GLN B 15 41.82 -8.36 6.41
N LEU B 16 41.05 -8.76 5.40
CA LEU B 16 39.85 -8.02 4.99
C LEU B 16 38.81 -7.91 6.13
N ARG B 17 38.64 -9.00 6.90
CA ARG B 17 37.72 -9.02 8.06
CA ARG B 17 37.71 -8.98 8.05
C ARG B 17 38.16 -7.99 9.14
N THR B 18 39.46 -7.93 9.37
CA THR B 18 40.03 -6.93 10.30
C THR B 18 39.73 -5.50 9.85
N PHE B 19 39.88 -5.25 8.56
CA PHE B 19 39.61 -3.94 7.97
C PHE B 19 38.15 -3.56 8.11
N VAL B 20 37.26 -4.43 7.67
CA VAL B 20 35.84 -4.13 7.69
C VAL B 20 35.35 -3.89 9.13
N THR B 21 35.81 -4.71 10.07
CA THR B 21 35.40 -4.61 11.48
C THR B 21 35.85 -3.28 12.11
N ILE B 22 37.12 -2.92 11.94
CA ILE B 22 37.62 -1.65 12.41
C ILE B 22 36.83 -0.50 11.78
N ALA B 23 36.65 -0.53 10.46
CA ALA B 23 35.91 0.51 9.72
C ALA B 23 34.47 0.74 10.23
N GLU B 24 33.81 -0.33 10.66
CA GLU B 24 32.45 -0.26 11.16
C GLU B 24 32.37 0.09 12.66
N CYS B 25 33.28 -0.48 13.46
CA CYS B 25 33.32 -0.26 14.91
C CYS B 25 33.90 1.11 15.29
N LYS B 26 34.92 1.53 14.55
CA LYS B 26 35.70 2.74 14.82
C LYS B 26 36.42 2.78 16.18
N HIS B 27 36.68 1.61 16.74
CA HIS B 27 37.61 1.46 17.87
C HIS B 27 38.31 0.11 17.69
N PHE B 28 39.58 0.07 18.10
CA PHE B 28 40.37 -1.17 18.08
C PHE B 28 39.90 -2.18 19.14
N GLY B 29 39.48 -1.70 20.31
CA GLY B 29 39.04 -2.55 21.40
C GLY B 29 37.77 -3.34 21.11
N THR B 30 36.73 -2.62 20.68
CA THR B 30 35.46 -3.26 20.30
C THR B 30 35.63 -4.14 19.04
N ALA B 31 36.53 -3.79 18.13
CA ALA B 31 36.79 -4.60 16.93
C ALA B 31 37.45 -5.95 17.25
N ALA B 32 38.49 -5.90 18.09
CA ALA B 32 39.20 -7.10 18.53
C ALA B 32 38.32 -8.05 19.35
N THR B 33 37.46 -7.48 20.21
CA THR B 33 36.46 -8.25 20.97
C THR B 33 35.42 -8.94 20.05
N LYS B 34 34.94 -8.21 19.04
CA LYS B 34 34.00 -8.76 18.06
C LYS B 34 34.62 -9.88 17.22
N LEU B 35 35.93 -9.82 16.97
CA LEU B 35 36.64 -10.85 16.22
C LEU B 35 37.29 -11.93 17.11
N SER B 36 37.10 -11.82 18.43
CA SER B 36 37.75 -12.71 19.42
C SER B 36 39.26 -12.92 19.21
N ILE B 37 39.96 -11.81 18.93
CA ILE B 37 41.43 -11.81 18.81
C ILE B 37 41.97 -10.69 19.69
N SER B 38 43.29 -10.72 19.91
CA SER B 38 43.97 -9.71 20.71
C SER B 38 44.06 -8.39 19.95
N GLN B 39 44.21 -7.30 20.71
CA GLN B 39 44.36 -5.97 20.11
C GLN B 39 45.67 -5.82 19.33
N PRO B 40 46.79 -6.40 19.84
CA PRO B 40 48.03 -6.41 19.02
C PRO B 40 47.87 -7.17 17.68
N SER B 41 47.22 -8.33 17.71
N SER B 41 47.20 -8.33 17.67
CA SER B 41 46.99 -9.14 16.49
CA SER B 41 47.07 -9.09 16.42
C SER B 41 46.12 -8.44 15.46
C SER B 41 46.10 -8.45 15.43
N LEU B 42 45.08 -7.75 15.93
CA LEU B 42 44.23 -6.93 15.07
C LEU B 42 45.08 -5.87 14.35
N SER B 43 45.86 -5.12 15.12
CA SER B 43 46.80 -4.15 14.58
C SER B 43 47.77 -4.76 13.55
N GLN B 44 48.34 -5.91 13.90
CA GLN B 44 49.28 -6.59 13.03
C GLN B 44 48.64 -6.89 11.67
N ALA B 45 47.43 -7.44 11.69
CA ALA B 45 46.70 -7.80 10.46
C ALA B 45 46.37 -6.58 9.61
N LEU B 46 45.94 -5.50 10.26
CA LEU B 46 45.66 -4.27 9.51
C LEU B 46 46.92 -3.70 8.87
N VAL B 47 48.01 -3.67 9.62
CA VAL B 47 49.31 -3.11 9.10
C VAL B 47 49.85 -3.99 7.98
N ALA B 48 49.59 -5.29 8.05
CA ALA B 48 50.00 -6.18 6.96
C ALA B 48 49.25 -5.83 5.66
N LEU B 49 47.95 -5.57 5.80
CA LEU B 49 47.10 -5.14 4.71
C LEU B 49 47.53 -3.78 4.12
N GLU B 50 47.69 -2.78 4.98
CA GLU B 50 48.12 -1.45 4.53
C GLU B 50 49.52 -1.47 3.89
N THR B 51 50.44 -2.27 4.45
CA THR B 51 51.79 -2.37 3.88
C THR B 51 51.77 -3.14 2.56
N GLY B 52 50.94 -4.16 2.45
CA GLY B 52 50.81 -4.89 1.18
C GLY B 52 50.25 -4.05 0.06
N LEU B 53 49.22 -3.28 0.37
CA LEU B 53 48.59 -2.42 -0.60
C LEU B 53 49.39 -1.14 -0.87
N GLY B 54 50.18 -0.67 0.09
CA GLY B 54 50.78 0.68 0.04
C GLY B 54 49.76 1.81 0.20
N VAL B 55 48.70 1.58 0.96
CA VAL B 55 47.60 2.52 1.12
C VAL B 55 47.22 2.56 2.60
N GLN B 56 47.19 3.75 3.18
CA GLN B 56 46.64 3.97 4.50
C GLN B 56 45.11 3.87 4.39
N LEU B 57 44.53 2.93 5.12
CA LEU B 57 43.09 2.73 5.17
C LEU B 57 42.45 3.36 6.40
N ILE B 58 43.19 3.35 7.50
CA ILE B 58 42.72 3.84 8.79
C ILE B 58 43.74 4.83 9.35
N GLU B 59 43.26 6.01 9.80
CA GLU B 59 44.06 6.92 10.66
C GLU B 59 43.80 6.62 12.13
N ARG B 60 44.88 6.50 12.90
CA ARG B 60 44.79 6.22 14.32
CA ARG B 60 44.84 6.19 14.34
C ARG B 60 45.14 7.43 15.17
N SER B 61 44.25 7.79 16.09
CA SER B 61 44.45 8.81 17.14
C SER B 61 44.36 8.07 18.48
N THR B 62 44.46 8.81 19.60
CA THR B 62 44.36 8.19 20.94
C THR B 62 42.97 7.59 21.21
N ARG B 63 41.93 8.42 21.06
CA ARG B 63 40.56 8.06 21.37
C ARG B 63 39.77 7.55 20.16
N LYS B 64 40.31 7.74 18.95
CA LYS B 64 39.53 7.68 17.71
C LYS B 64 40.23 6.98 16.55
N VAL B 65 39.40 6.36 15.71
CA VAL B 65 39.79 5.81 14.44
C VAL B 65 39.01 6.53 13.36
N ILE B 66 39.65 6.78 12.24
CA ILE B 66 39.05 7.44 11.09
C ILE B 66 39.41 6.64 9.86
N VAL B 67 38.42 6.32 9.05
CA VAL B 67 38.62 5.60 7.80
C VAL B 67 39.02 6.64 6.77
N THR B 68 40.11 6.39 6.06
CA THR B 68 40.64 7.36 5.10
C THR B 68 39.70 7.36 3.88
N PRO B 69 39.82 8.39 3.00
CA PRO B 69 39.04 8.36 1.76
C PRO B 69 39.34 7.15 0.87
N ALA B 70 40.60 6.74 0.81
CA ALA B 70 41.01 5.53 0.12
C ALA B 70 40.34 4.30 0.72
N GLY B 71 40.23 4.26 2.05
CA GLY B 71 39.57 3.19 2.78
C GLY B 71 38.07 3.10 2.56
N GLU B 72 37.39 4.26 2.57
CA GLU B 72 35.95 4.31 2.31
C GLU B 72 35.64 3.78 0.90
N LYS B 73 36.52 4.12 -0.06
CA LYS B 73 36.35 3.64 -1.43
C LYS B 73 36.53 2.11 -1.54
N LEU B 74 37.48 1.56 -0.78
CA LEU B 74 37.76 0.10 -0.78
C LEU B 74 36.85 -0.75 0.12
N LEU B 75 36.16 -0.12 1.07
CA LEU B 75 35.33 -0.83 2.05
C LEU B 75 34.22 -1.70 1.41
N PRO B 76 33.45 -1.15 0.46
CA PRO B 76 32.45 -2.01 -0.18
C PRO B 76 33.05 -3.20 -0.96
N PHE B 77 34.25 -3.05 -1.49
CA PHE B 77 34.92 -4.15 -2.19
C PHE B 77 35.39 -5.27 -1.24
N ALA B 78 35.91 -4.90 -0.07
CA ALA B 78 36.28 -5.88 0.97
C ALA B 78 35.03 -6.65 1.45
N LYS B 79 33.97 -5.87 1.75
CA LYS B 79 32.68 -6.39 2.15
C LYS B 79 32.07 -7.39 1.14
N SER B 80 32.05 -7.07 -0.16
CA SER B 80 31.62 -8.04 -1.21
C SER B 80 32.49 -9.30 -1.27
N THR B 81 33.79 -9.18 -1.02
CA THR B 81 34.68 -10.34 -0.97
C THR B 81 34.26 -11.26 0.18
N LEU B 82 34.02 -10.69 1.36
CA LEU B 82 33.59 -11.46 2.53
C LEU B 82 32.18 -12.07 2.37
N ASP B 83 31.28 -11.29 1.77
CA ASP B 83 29.91 -11.75 1.48
C ASP B 83 29.91 -12.95 0.53
N ALA B 84 30.74 -12.89 -0.54
CA ALA B 84 30.86 -14.02 -1.46
C ALA B 84 31.45 -15.27 -0.80
N ALA B 85 32.41 -15.08 0.12
CA ALA B 85 33.00 -16.20 0.85
C ALA B 85 31.96 -16.82 1.78
N GLU B 86 31.18 -15.99 2.46
CA GLU B 86 30.09 -16.47 3.32
C GLU B 86 28.99 -17.18 2.50
N SER B 87 28.78 -16.71 1.28
CA SER B 87 27.82 -17.31 0.37
C SER B 87 28.25 -18.72 -0.05
N PHE B 88 29.51 -18.85 -0.42
CA PHE B 88 30.14 -20.14 -0.73
C PHE B 88 29.90 -21.14 0.42
N LEU B 89 30.25 -20.74 1.63
CA LEU B 89 30.06 -21.59 2.83
C LEU B 89 28.59 -21.97 3.06
N SER B 90 27.71 -20.99 2.93
CA SER B 90 26.26 -21.19 3.06
C SER B 90 25.68 -22.21 2.04
N HIS B 91 26.14 -22.15 0.79
CA HIS B 91 25.74 -23.12 -0.23
C HIS B 91 26.41 -24.49 -0.06
N ALA B 92 27.56 -24.56 0.62
CA ALA B 92 28.24 -25.83 0.86
C ALA B 92 27.54 -26.70 1.89
N LYS B 93 26.70 -26.10 2.74
CA LYS B 93 25.84 -26.85 3.66
C LYS B 93 24.56 -27.35 2.97
N GLY B 94 24.58 -27.54 1.64
CA GLY B 94 23.53 -28.31 0.94
C GLY B 94 23.45 -29.77 1.40
N ALA B 95 24.60 -30.32 1.82
CA ALA B 95 24.69 -31.65 2.46
C ALA B 95 24.09 -31.71 3.88
N ASN B 96 24.27 -30.66 4.68
CA ASN B 96 23.78 -30.58 6.08
C ASN B 96 22.33 -31.02 6.21
N GLY B 97 21.46 -30.45 5.38
CA GLY B 97 20.07 -30.89 5.26
C GLY B 97 19.26 -30.71 6.53
N SER B 98 19.34 -29.50 7.10
CA SER B 98 18.66 -29.19 8.37
C SER B 98 17.18 -28.76 8.26
N LEU B 99 16.63 -28.70 7.03
CA LEU B 99 15.27 -28.23 6.81
C LEU B 99 14.28 -29.37 6.89
N THR B 100 13.80 -29.60 8.10
CA THR B 100 12.89 -30.69 8.40
C THR B 100 11.85 -30.14 9.35
N GLY B 101 10.76 -30.85 9.46
CA GLY B 101 9.71 -30.48 10.39
C GLY B 101 8.88 -29.29 9.94
N PRO B 102 8.05 -28.78 10.86
CA PRO B 102 7.17 -27.66 10.55
C PRO B 102 7.93 -26.36 10.33
N LEU B 103 7.57 -25.62 9.29
CA LEU B 103 8.11 -24.28 9.07
C LEU B 103 6.96 -23.41 8.65
N THR B 104 6.60 -22.45 9.51
CA THR B 104 5.51 -21.53 9.20
C THR B 104 6.06 -20.18 8.65
N VAL B 105 5.67 -19.87 7.41
CA VAL B 105 6.21 -18.73 6.66
C VAL B 105 5.14 -17.68 6.38
N GLY B 106 5.35 -16.45 6.84
CA GLY B 106 4.49 -15.31 6.44
C GLY B 106 5.03 -14.70 5.15
N ILE B 107 4.16 -14.37 4.19
CA ILE B 107 4.57 -13.75 2.93
C ILE B 107 3.59 -12.64 2.59
N ILE B 108 4.15 -11.49 2.23
CA ILE B 108 3.35 -10.33 1.83
C ILE B 108 2.53 -10.61 0.58
N PRO B 109 1.37 -9.96 0.41
CA PRO B 109 0.46 -10.28 -0.71
C PRO B 109 0.96 -9.98 -2.11
N THR B 110 1.87 -9.00 -2.26
CA THR B 110 2.42 -8.69 -3.58
C THR B 110 3.66 -9.52 -3.94
N ALA B 111 4.03 -10.47 -3.10
CA ALA B 111 5.06 -11.44 -3.42
C ALA B 111 4.48 -12.87 -3.48
N ALA B 112 3.72 -13.24 -2.48
CA ALA B 112 3.28 -14.63 -2.29
C ALA B 112 2.74 -15.38 -3.53
N PRO B 113 1.76 -14.80 -4.27
CA PRO B 113 1.14 -15.55 -5.38
C PRO B 113 2.12 -15.95 -6.49
N TYR B 114 3.16 -15.14 -6.66
CA TYR B 114 4.03 -15.22 -7.83
C TYR B 114 5.26 -16.12 -7.60
N ILE B 115 5.61 -16.36 -6.33
CA ILE B 115 6.68 -17.32 -5.99
C ILE B 115 6.21 -18.60 -5.26
N LEU B 116 4.95 -18.64 -4.86
CA LEU B 116 4.42 -19.74 -4.06
C LEU B 116 4.47 -21.09 -4.79
N PRO B 117 4.04 -21.15 -6.07
CA PRO B 117 4.13 -22.45 -6.77
C PRO B 117 5.55 -22.99 -6.94
N SER B 118 6.52 -22.15 -7.30
CA SER B 118 7.91 -22.58 -7.37
C SER B 118 8.43 -23.07 -6.03
N MET B 119 8.22 -22.27 -4.99
CA MET B 119 8.72 -22.62 -3.67
C MET B 119 8.14 -23.95 -3.21
N LEU B 120 6.82 -24.15 -3.35
CA LEU B 120 6.18 -25.39 -2.87
C LEU B 120 6.61 -26.60 -3.67
N SER B 121 6.79 -26.43 -4.98
CA SER B 121 7.33 -27.47 -5.85
C SER B 121 8.75 -27.90 -5.42
N ILE B 122 9.64 -26.93 -5.24
CA ILE B 122 11.00 -27.20 -4.73
C ILE B 122 10.99 -27.91 -3.36
N VAL B 123 10.19 -27.42 -2.41
CA VAL B 123 10.07 -28.07 -1.10
C VAL B 123 9.56 -29.51 -1.24
N ASP B 124 8.48 -29.70 -1.98
CA ASP B 124 7.90 -31.02 -2.15
C ASP B 124 8.86 -32.03 -2.81
N GLU B 125 9.61 -31.58 -3.81
CA GLU B 125 10.53 -32.46 -4.53
C GLU B 125 11.86 -32.66 -3.81
N GLU B 126 12.45 -31.61 -3.25
CA GLU B 126 13.83 -31.69 -2.78
C GLU B 126 14.03 -31.69 -1.28
N TYR B 127 13.00 -31.26 -0.54
CA TYR B 127 13.04 -31.22 0.93
C TYR B 127 11.82 -31.94 1.47
N PRO B 128 11.72 -33.25 1.21
CA PRO B 128 10.46 -33.95 1.45
C PRO B 128 10.01 -33.99 2.92
N ASP B 129 10.94 -33.85 3.87
CA ASP B 129 10.62 -33.83 5.31
C ASP B 129 10.31 -32.44 5.88
N LEU B 130 10.45 -31.38 5.07
CA LEU B 130 10.00 -30.07 5.47
C LEU B 130 8.48 -30.03 5.32
N GLU B 131 7.83 -29.41 6.30
CA GLU B 131 6.39 -29.34 6.37
C GLU B 131 6.02 -27.85 6.36
N PRO B 132 5.87 -27.26 5.17
CA PRO B 132 5.69 -25.80 5.09
C PRO B 132 4.27 -25.39 5.43
N HIS B 133 4.11 -24.29 6.15
CA HIS B 133 2.81 -23.67 6.39
C HIS B 133 2.89 -22.20 6.01
N ILE B 134 2.06 -21.77 5.08
CA ILE B 134 2.13 -20.42 4.54
C ILE B 134 0.95 -19.59 5.01
N VAL B 135 1.28 -18.40 5.48
CA VAL B 135 0.32 -17.38 5.88
C VAL B 135 0.61 -16.18 4.97
N GLU B 136 -0.38 -15.78 4.18
CA GLU B 136 -0.26 -14.64 3.30
C GLU B 136 -1.14 -13.53 3.88
N ASP B 137 -0.51 -12.40 4.22
CA ASP B 137 -1.24 -11.26 4.80
C ASP B 137 -0.38 -9.99 4.77
N GLN B 138 -1.01 -8.85 5.10
CA GLN B 138 -0.38 -7.55 5.04
CA GLN B 138 -0.35 -7.53 5.05
C GLN B 138 0.82 -7.50 6.03
N THR B 139 1.80 -6.66 5.72
CA THR B 139 3.00 -6.55 6.51
C THR B 139 2.77 -6.46 8.04
N LYS B 140 1.91 -5.55 8.45
CA LYS B 140 1.65 -5.32 9.87
C LYS B 140 1.10 -6.56 10.57
N HIS B 141 0.25 -7.33 9.91
CA HIS B 141 -0.29 -8.56 10.48
C HIS B 141 0.80 -9.60 10.61
N LEU B 142 1.64 -9.72 9.58
CA LEU B 142 2.75 -10.69 9.58
C LEU B 142 3.73 -10.41 10.71
N LEU B 143 4.05 -9.14 10.92
CA LEU B 143 4.95 -8.77 12.01
C LEU B 143 4.36 -9.03 13.37
N ALA B 144 3.07 -8.76 13.56
CA ALA B 144 2.43 -9.14 14.83
C ALA B 144 2.50 -10.66 15.05
N LEU B 145 2.25 -11.45 14.01
CA LEU B 145 2.33 -12.91 14.12
C LEU B 145 3.78 -13.41 14.39
N LEU B 146 4.73 -12.78 13.73
CA LEU B 146 6.15 -13.08 13.93
C LEU B 146 6.57 -12.81 15.37
N ARG B 147 6.21 -11.63 15.84
CA ARG B 147 6.47 -11.20 17.22
C ARG B 147 5.93 -12.20 18.25
N ASP B 148 4.72 -12.69 18.00
CA ASP B 148 4.04 -13.57 18.95
C ASP B 148 4.31 -15.06 18.74
N GLY B 149 5.20 -15.41 17.80
CA GLY B 149 5.55 -16.79 17.54
C GLY B 149 4.58 -17.61 16.71
N ALA B 150 3.53 -16.98 16.18
CA ALA B 150 2.56 -17.67 15.34
C ALA B 150 3.10 -17.96 13.93
N ILE B 151 4.13 -17.23 13.49
CA ILE B 151 4.95 -17.64 12.34
C ILE B 151 6.43 -17.65 12.74
N ASP B 152 7.26 -18.35 11.98
CA ASP B 152 8.68 -18.51 12.29
C ASP B 152 9.55 -17.46 11.54
N VAL B 153 9.12 -17.15 10.33
CA VAL B 153 9.81 -16.24 9.43
C VAL B 153 8.77 -15.49 8.57
N ALA B 154 9.09 -14.26 8.23
CA ALA B 154 8.27 -13.45 7.36
C ALA B 154 9.10 -12.99 6.16
N MET B 155 8.55 -13.20 4.97
CA MET B 155 9.16 -12.76 3.73
C MET B 155 8.49 -11.43 3.38
N MET B 156 9.27 -10.35 3.34
CA MET B 156 8.71 -9.02 3.23
C MET B 156 9.75 -8.00 2.76
N ALA B 157 9.29 -6.75 2.55
CA ALA B 157 10.19 -5.68 2.14
C ALA B 157 11.04 -5.19 3.31
N LEU B 158 12.33 -5.01 3.05
CA LEU B 158 13.24 -4.44 4.04
C LEU B 158 13.40 -2.96 3.73
N PRO B 159 13.68 -2.15 4.74
CA PRO B 159 13.85 -2.52 6.15
C PRO B 159 12.50 -2.85 6.78
N SER B 160 12.53 -3.79 7.72
CA SER B 160 11.34 -4.19 8.45
C SER B 160 10.97 -3.18 9.51
N GLU B 161 12.00 -2.62 10.14
CA GLU B 161 11.85 -1.66 11.24
C GLU B 161 11.09 -2.27 12.43
N ALA B 162 11.24 -3.58 12.62
CA ALA B 162 10.57 -4.30 13.68
C ALA B 162 11.57 -4.60 14.80
N PRO B 163 11.24 -4.19 16.04
CA PRO B 163 12.02 -4.55 17.22
C PRO B 163 12.23 -6.06 17.42
N GLY B 164 13.47 -6.44 17.72
CA GLY B 164 13.81 -7.79 18.14
C GLY B 164 14.05 -8.75 17.00
N MET B 165 14.16 -8.26 15.77
CA MET B 165 14.26 -9.11 14.59
C MET B 165 15.65 -9.09 13.96
N LYS B 166 15.99 -10.19 13.27
CA LYS B 166 17.10 -10.23 12.34
C LYS B 166 16.55 -10.29 10.92
N GLU B 167 17.35 -9.82 9.96
CA GLU B 167 16.96 -9.82 8.58
C GLU B 167 17.98 -10.59 7.74
N ILE B 168 17.51 -11.40 6.83
CA ILE B 168 18.35 -12.03 5.82
C ILE B 168 17.92 -11.42 4.49
N PRO B 169 18.81 -10.68 3.81
CA PRO B 169 18.43 -10.16 2.49
C PRO B 169 18.30 -11.28 1.46
N LEU B 170 17.28 -11.23 0.62
CA LEU B 170 17.09 -12.23 -0.41
C LEU B 170 17.48 -11.71 -1.79
N TYR B 171 16.88 -10.61 -2.19
CA TYR B 171 17.05 -10.06 -3.54
C TYR B 171 16.40 -8.70 -3.69
N ASP B 172 16.85 -7.95 -4.70
CA ASP B 172 16.18 -6.75 -5.18
C ASP B 172 15.27 -7.12 -6.33
N GLU B 173 14.02 -6.68 -6.27
CA GLU B 173 13.05 -6.97 -7.30
C GLU B 173 12.64 -5.65 -7.93
N ASP B 174 12.83 -5.54 -9.23
CA ASP B 174 12.43 -4.37 -9.95
C ASP B 174 10.92 -4.33 -10.09
N PHE B 175 10.41 -3.11 -10.32
CA PHE B 175 9.03 -2.93 -10.75
C PHE B 175 9.02 -2.69 -12.25
N ILE B 176 7.86 -2.88 -12.84
CA ILE B 176 7.57 -2.45 -14.19
C ILE B 176 6.44 -1.44 -14.08
N VAL B 177 6.34 -0.54 -15.02
CA VAL B 177 5.25 0.41 -15.04
C VAL B 177 4.15 -0.23 -15.88
N VAL B 178 2.92 -0.11 -15.41
CA VAL B 178 1.77 -0.62 -16.13
C VAL B 178 0.79 0.52 -16.35
N THR B 179 0.41 0.74 -17.60
CA THR B 179 -0.55 1.77 -17.98
C THR B 179 -1.72 1.13 -18.75
N ALA B 180 -2.76 1.94 -18.98
CA ALA B 180 -3.79 1.59 -19.94
C ALA B 180 -3.15 1.52 -21.32
N SER B 181 -3.75 0.72 -22.20
CA SER B 181 -3.36 0.64 -23.61
C SER B 181 -3.23 2.01 -24.30
N ASP B 182 -4.13 2.94 -24.00
CA ASP B 182 -4.13 4.25 -24.66
C ASP B 182 -3.21 5.29 -24.02
N HIS B 183 -2.58 4.98 -22.88
CA HIS B 183 -1.77 5.98 -22.17
C HIS B 183 -0.57 6.44 -23.02
N PRO B 184 -0.24 7.75 -23.02
CA PRO B 184 0.85 8.22 -23.89
C PRO B 184 2.25 7.67 -23.58
N PHE B 185 2.50 7.20 -22.37
CA PHE B 185 3.74 6.54 -22.01
C PHE B 185 3.80 5.02 -22.28
N ALA B 186 2.69 4.40 -22.70
CA ALA B 186 2.70 2.97 -23.09
C ALA B 186 3.90 2.67 -23.97
N GLY B 187 4.65 1.62 -23.64
CA GLY B 187 5.75 1.20 -24.49
C GLY B 187 7.09 1.87 -24.27
N ARG B 188 7.10 3.00 -23.54
CA ARG B 188 8.36 3.69 -23.24
C ARG B 188 9.26 2.83 -22.37
N GLN B 189 10.55 2.88 -22.62
CA GLN B 189 11.56 2.19 -21.82
C GLN B 189 12.62 3.15 -21.18
N ASP B 190 12.40 4.46 -21.33
CA ASP B 190 13.35 5.48 -20.89
C ASP B 190 12.75 6.54 -19.98
N LEU B 191 11.72 6.19 -19.21
CA LEU B 191 11.03 7.18 -18.38
C LEU B 191 11.91 7.65 -17.26
N GLU B 192 11.80 8.94 -16.96
CA GLU B 192 12.54 9.57 -15.85
C GLU B 192 11.56 9.72 -14.69
N LEU B 193 12.06 10.10 -13.52
CA LEU B 193 11.16 10.33 -12.37
C LEU B 193 10.10 11.39 -12.63
N SER B 194 10.43 12.42 -13.40
CA SER B 194 9.42 13.38 -13.85
C SER B 194 8.13 12.79 -14.47
N ALA B 195 8.23 11.59 -15.05
CA ALA B 195 7.06 10.90 -15.61
C ALA B 195 5.94 10.65 -14.61
N LEU B 196 6.26 10.65 -13.31
CA LEU B 196 5.26 10.53 -12.21
C LEU B 196 4.12 11.52 -12.34
N GLU B 197 4.45 12.74 -12.75
CA GLU B 197 3.49 13.81 -12.89
C GLU B 197 2.39 13.54 -13.91
N ASP B 198 2.68 12.68 -14.90
CA ASP B 198 1.77 12.40 -15.99
CA ASP B 198 1.81 12.41 -16.03
C ASP B 198 1.40 10.91 -16.11
N LEU B 199 1.66 10.15 -15.06
CA LEU B 199 1.33 8.74 -14.99
C LEU B 199 0.05 8.45 -14.22
N ASP B 200 -0.34 9.34 -13.29
CA ASP B 200 -1.46 9.07 -12.38
C ASP B 200 -1.29 7.76 -11.58
N LEU B 201 -0.14 7.63 -10.94
CA LEU B 201 0.23 6.39 -10.28
C LEU B 201 -0.65 6.13 -9.04
N LEU B 202 -1.18 4.92 -8.96
CA LEU B 202 -1.84 4.42 -7.78
C LEU B 202 -0.89 3.36 -7.25
N LEU B 203 -0.37 3.64 -6.06
CA LEU B 203 0.72 2.91 -5.48
C LEU B 203 0.19 2.15 -4.28
N LEU B 204 0.73 0.96 -4.09
CA LEU B 204 0.43 0.12 -2.95
C LEU B 204 1.59 0.22 -1.96
N ASP B 205 1.32 -0.15 -0.71
CA ASP B 205 2.34 -0.34 0.26
C ASP B 205 3.07 -1.71 0.08
N ASP B 206 3.91 -1.76 -0.94
CA ASP B 206 4.50 -2.99 -1.50
C ASP B 206 6.04 -2.99 -1.47
N GLY B 207 6.60 -2.02 -0.73
CA GLY B 207 8.01 -1.89 -0.57
C GLY B 207 8.70 -1.12 -1.67
N HIS B 208 7.96 -0.55 -2.62
CA HIS B 208 8.58 0.18 -3.74
C HIS B 208 9.51 1.30 -3.26
N CYS B 209 10.67 1.37 -3.91
N CYS B 209 10.65 1.41 -3.91
CA CYS B 209 11.67 2.37 -3.61
CA CYS B 209 11.69 2.38 -3.58
C CYS B 209 12.04 3.07 -4.93
C CYS B 209 12.10 3.09 -4.89
N LEU B 210 11.67 4.35 -5.04
CA LEU B 210 11.88 5.14 -6.26
CA LEU B 210 11.89 5.14 -6.27
C LEU B 210 12.86 6.27 -6.01
N HIS B 211 13.95 6.30 -6.77
CA HIS B 211 14.91 7.43 -6.71
C HIS B 211 15.81 7.39 -7.94
N ASP B 212 16.43 8.54 -8.21
CA ASP B 212 17.58 8.67 -9.13
C ASP B 212 18.68 9.41 -8.39
N GLN B 213 19.74 9.83 -9.08
CA GLN B 213 20.94 10.42 -8.40
C GLN B 213 20.70 11.77 -7.74
N ILE B 214 19.61 12.45 -8.12
CA ILE B 214 19.30 13.82 -7.65
C ILE B 214 18.10 13.86 -6.68
N VAL B 215 17.02 13.12 -6.99
CA VAL B 215 15.78 13.12 -6.22
C VAL B 215 15.55 11.76 -5.54
N ASP B 216 15.24 11.77 -4.25
CA ASP B 216 14.93 10.56 -3.47
C ASP B 216 13.48 10.59 -2.99
N LEU B 217 12.63 9.72 -3.55
CA LEU B 217 11.21 9.62 -3.18
C LEU B 217 10.95 8.38 -2.33
N CYS B 218 12.03 7.67 -1.99
N CYS B 218 12.11 7.68 -1.85
CA CYS B 218 11.95 6.47 -1.20
CA CYS B 218 12.05 6.36 -1.25
C CYS B 218 11.86 6.85 0.28
C CYS B 218 12.19 6.37 0.27
N ARG B 219 13.00 7.30 0.86
CA ARG B 219 13.25 7.34 2.32
C ARG B 219 12.00 7.66 3.13
N ARG B 220 11.20 6.62 3.40
CA ARG B 220 9.88 6.79 3.99
C ARG B 220 9.99 7.21 5.47
N GLY B 221 10.18 8.52 5.68
CA GLY B 221 10.20 9.10 7.03
C GLY B 221 8.79 9.32 7.55
N ASN B 222 8.06 8.21 7.76
CA ASN B 222 6.66 8.20 8.22
C ASN B 222 5.74 9.24 7.53
N ILE B 223 5.98 9.46 6.24
CA ILE B 223 5.18 10.39 5.42
C ILE B 223 5.51 10.17 3.92
N ASN B 224 4.47 9.93 3.12
CA ASN B 224 4.64 9.45 1.75
C ASN B 224 4.81 10.67 0.87
N PRO B 225 5.98 10.81 0.21
CA PRO B 225 6.22 12.03 -0.59
C PRO B 225 5.50 12.04 -1.95
N ILE B 226 5.15 10.86 -2.46
CA ILE B 226 4.30 10.78 -3.65
C ILE B 226 2.85 10.79 -3.21
N SER B 227 2.06 11.71 -3.74
CA SER B 227 0.63 11.76 -3.51
C SER B 227 -0.14 11.28 -4.73
N SER B 228 -1.39 10.88 -4.49
CA SER B 228 -2.29 10.49 -5.55
C SER B 228 -3.28 11.59 -5.80
N THR B 229 -3.63 11.74 -7.07
CA THR B 229 -4.44 12.85 -7.58
C THR B 229 -5.76 12.30 -8.17
N THR B 230 -6.16 11.14 -7.64
CA THR B 230 -7.21 10.29 -8.23
CA THR B 230 -7.21 10.35 -8.27
C THR B 230 -8.34 10.11 -7.22
N ALA B 231 -9.48 9.58 -7.69
CA ALA B 231 -10.60 9.26 -6.80
C ALA B 231 -10.26 8.21 -5.74
N VAL B 232 -9.28 7.37 -6.01
CA VAL B 232 -8.78 6.37 -5.08
C VAL B 232 -7.65 6.91 -4.20
N THR B 233 -8.03 7.32 -2.99
CA THR B 233 -7.09 7.68 -1.94
C THR B 233 -6.08 6.58 -1.62
N ARG B 234 -6.55 5.36 -1.46
CA ARG B 234 -5.69 4.25 -1.05
CA ARG B 234 -5.73 4.26 -0.93
C ARG B 234 -6.30 2.90 -1.39
N ALA B 235 -5.49 2.08 -2.05
CA ALA B 235 -5.88 0.71 -2.44
C ALA B 235 -4.97 -0.23 -1.69
N SER B 236 -5.50 -1.33 -1.23
CA SER B 236 -4.68 -2.33 -0.52
C SER B 236 -4.38 -3.53 -1.37
N SER B 237 -5.09 -3.70 -2.49
CA SER B 237 -4.90 -4.87 -3.36
C SER B 237 -4.48 -4.49 -4.77
N LEU B 238 -3.55 -5.25 -5.34
CA LEU B 238 -3.13 -5.10 -6.72
C LEU B 238 -4.28 -5.29 -7.75
N THR B 239 -5.25 -6.15 -7.41
CA THR B 239 -6.33 -6.44 -8.33
C THR B 239 -7.25 -5.22 -8.50
N THR B 240 -7.55 -4.53 -7.40
CA THR B 240 -8.26 -3.26 -7.46
C THR B 240 -7.55 -2.24 -8.37
N VAL B 241 -6.23 -2.12 -8.20
CA VAL B 241 -5.42 -1.19 -8.98
C VAL B 241 -5.41 -1.56 -10.49
N MET B 242 -5.18 -2.82 -10.82
CA MET B 242 -5.16 -3.24 -12.22
C MET B 242 -6.49 -3.03 -12.95
N GLN B 243 -7.58 -3.29 -12.22
CA GLN B 243 -8.90 -2.97 -12.73
C GLN B 243 -9.03 -1.46 -13.06
N LEU B 244 -8.54 -0.61 -12.20
CA LEU B 244 -8.54 0.84 -12.42
C LEU B 244 -7.65 1.25 -13.58
N VAL B 245 -6.51 0.57 -13.74
CA VAL B 245 -5.62 0.81 -14.88
C VAL B 245 -6.25 0.40 -16.22
N VAL B 246 -6.86 -0.78 -16.29
CA VAL B 246 -7.56 -1.22 -17.51
C VAL B 246 -8.64 -0.21 -17.89
N ALA B 247 -9.40 0.26 -16.89
CA ALA B 247 -10.46 1.26 -17.09
C ALA B 247 -9.98 2.69 -17.42
N GLY B 248 -8.67 2.94 -17.43
CA GLY B 248 -8.12 4.24 -17.82
C GLY B 248 -8.11 5.29 -16.72
N LEU B 249 -8.22 4.84 -15.47
CA LEU B 249 -8.28 5.72 -14.29
C LEU B 249 -6.96 5.83 -13.55
N GLY B 250 -5.85 5.46 -14.18
CA GLY B 250 -4.52 5.59 -13.56
C GLY B 250 -3.55 4.56 -14.13
N SER B 251 -2.35 4.60 -13.60
CA SER B 251 -1.27 3.68 -13.96
C SER B 251 -0.76 3.09 -12.64
N THR B 252 0.10 2.10 -12.69
CA THR B 252 0.67 1.56 -11.47
C THR B 252 2.05 0.96 -11.66
N LEU B 253 2.62 0.51 -10.54
CA LEU B 253 3.87 -0.22 -10.51
C LEU B 253 3.56 -1.64 -10.09
N VAL B 254 4.14 -2.61 -10.81
CA VAL B 254 3.93 -4.03 -10.54
C VAL B 254 5.30 -4.69 -10.39
N PRO B 255 5.51 -5.51 -9.34
CA PRO B 255 6.75 -6.28 -9.25
C PRO B 255 6.89 -7.18 -10.46
N ILE B 256 8.11 -7.31 -10.97
CA ILE B 256 8.33 -8.12 -12.18
C ILE B 256 7.92 -9.60 -12.08
N SER B 257 8.02 -10.17 -10.88
CA SER B 257 7.52 -11.53 -10.63
C SER B 257 6.04 -11.72 -10.93
N ALA B 258 5.27 -10.64 -10.85
CA ALA B 258 3.84 -10.65 -11.13
C ALA B 258 3.50 -10.43 -12.59
N ILE B 259 4.48 -10.27 -13.46
CA ILE B 259 4.18 -9.95 -14.86
C ILE B 259 3.33 -11.05 -15.58
N PRO B 260 3.73 -12.32 -15.49
CA PRO B 260 2.95 -13.35 -16.21
C PRO B 260 1.48 -13.36 -15.78
N TRP B 261 1.23 -13.27 -14.48
CA TRP B 261 -0.13 -13.37 -13.97
C TRP B 261 -0.93 -12.09 -14.19
N GLU B 262 -0.31 -10.93 -13.96
CA GLU B 262 -1.04 -9.62 -13.91
C GLU B 262 -0.97 -8.78 -15.19
N CYS B 263 0.12 -8.90 -15.95
CA CYS B 263 0.41 -7.93 -17.04
C CYS B 263 0.28 -8.44 -18.46
N THR B 264 -0.40 -9.54 -18.66
CA THR B 264 -0.57 -10.09 -20.01
C THR B 264 -2.00 -10.02 -20.55
N ARG B 265 -2.96 -9.64 -19.73
CA ARG B 265 -4.35 -9.46 -20.13
C ARG B 265 -4.57 -8.23 -21.05
N PRO B 266 -5.65 -8.24 -21.84
CA PRO B 266 -5.96 -7.06 -22.68
C PRO B 266 -6.30 -5.82 -21.89
N GLY B 267 -6.07 -4.65 -22.52
CA GLY B 267 -6.31 -3.35 -21.90
C GLY B 267 -5.14 -2.74 -21.18
N LEU B 268 -4.02 -3.48 -21.12
CA LEU B 268 -2.81 -3.03 -20.44
C LEU B 268 -1.65 -2.92 -21.39
N ALA B 269 -0.73 -2.01 -21.06
CA ALA B 269 0.57 -1.90 -21.70
C ALA B 269 1.59 -1.72 -20.57
N THR B 270 2.86 -1.90 -20.89
CA THR B 270 3.91 -1.71 -19.93
C THR B 270 4.93 -0.70 -20.43
N ALA B 271 5.64 -0.14 -19.48
CA ALA B 271 6.70 0.82 -19.70
C ALA B 271 7.76 0.58 -18.61
N ASN B 272 8.91 1.22 -18.74
CA ASN B 272 9.96 1.15 -17.74
C ASN B 272 10.67 2.47 -17.57
N PHE B 273 11.19 2.69 -16.37
CA PHE B 273 12.11 3.77 -16.12
C PHE B 273 13.47 3.45 -16.70
N ASN B 274 14.24 4.51 -16.95
CA ASN B 274 15.55 4.42 -17.53
C ASN B 274 16.54 3.78 -16.56
N SER B 275 17.69 3.37 -17.11
CA SER B 275 18.81 2.82 -16.36
C SER B 275 19.18 3.60 -15.10
N ASP B 276 19.11 4.92 -15.16
CA ASP B 276 19.55 5.74 -14.02
C ASP B 276 18.52 5.83 -12.90
N VAL B 277 17.29 5.42 -13.15
CA VAL B 277 16.26 5.40 -12.11
C VAL B 277 16.32 4.07 -11.39
N THR B 278 16.25 4.11 -10.07
CA THR B 278 16.00 2.92 -9.27
C THR B 278 14.50 2.85 -9.02
N ALA B 279 13.88 1.73 -9.39
CA ALA B 279 12.47 1.49 -9.02
C ALA B 279 12.37 0.00 -8.71
N ASN B 280 12.65 -0.29 -7.45
CA ASN B 280 12.72 -1.68 -7.00
C ASN B 280 12.23 -1.82 -5.54
N ARG B 281 12.35 -3.04 -5.00
CA ARG B 281 12.15 -3.28 -3.56
C ARG B 281 13.17 -4.32 -3.12
N ARG B 282 13.61 -4.20 -1.88
CA ARG B 282 14.53 -5.17 -1.28
CA ARG B 282 14.52 -5.13 -1.25
C ARG B 282 13.67 -6.17 -0.50
N ILE B 283 13.63 -7.40 -0.97
CA ILE B 283 12.90 -8.47 -0.28
C ILE B 283 13.86 -9.17 0.65
N GLY B 284 13.39 -9.49 1.85
CA GLY B 284 14.17 -10.18 2.87
C GLY B 284 13.36 -11.18 3.70
N LEU B 285 14.07 -11.99 4.46
CA LEU B 285 13.45 -12.90 5.40
C LEU B 285 13.68 -12.30 6.78
N VAL B 286 12.64 -12.17 7.58
CA VAL B 286 12.77 -11.53 8.89
C VAL B 286 12.36 -12.53 9.98
N TYR B 287 13.18 -12.64 11.02
CA TYR B 287 12.87 -13.62 12.08
C TYR B 287 13.27 -13.09 13.44
N ARG B 288 12.81 -13.73 14.53
CA ARG B 288 13.11 -13.27 15.89
CA ARG B 288 13.14 -13.22 15.88
C ARG B 288 14.59 -13.56 16.23
N SER B 289 15.31 -12.52 16.67
CA SER B 289 16.76 -12.64 16.88
C SER B 289 17.19 -13.73 17.84
N SER B 290 16.31 -14.08 18.79
CA SER B 290 16.55 -15.13 19.75
C SER B 290 16.57 -16.55 19.15
N SER B 291 16.13 -16.74 17.89
CA SER B 291 15.91 -18.08 17.33
C SER B 291 17.17 -18.95 17.22
N SER B 292 17.04 -20.21 17.57
N SER B 292 17.02 -20.22 17.59
CA SER B 292 18.10 -21.19 17.36
CA SER B 292 18.04 -21.24 17.39
C SER B 292 18.04 -21.79 15.94
C SER B 292 17.81 -21.99 16.06
N ARG B 293 17.09 -21.36 15.12
CA ARG B 293 16.90 -21.87 13.78
C ARG B 293 17.52 -21.00 12.69
N ALA B 294 18.43 -20.08 13.02
CA ALA B 294 19.06 -19.21 12.02
C ALA B 294 19.58 -20.00 10.83
N GLU B 295 20.25 -21.11 11.09
CA GLU B 295 20.80 -21.89 9.97
C GLU B 295 19.72 -22.51 9.09
N GLU B 296 18.63 -22.99 9.66
CA GLU B 296 17.50 -23.44 8.85
C GLU B 296 16.93 -22.34 7.98
N PHE B 297 16.76 -21.16 8.56
CA PHE B 297 16.22 -20.04 7.82
C PHE B 297 17.12 -19.60 6.68
N GLU B 298 18.45 -19.66 6.88
CA GLU B 298 19.40 -19.32 5.81
CA GLU B 298 19.39 -19.30 5.80
C GLU B 298 19.24 -20.29 4.66
N GLN B 299 19.08 -21.58 4.99
CA GLN B 299 18.86 -22.59 3.97
C GLN B 299 17.52 -22.36 3.24
N PHE B 300 16.50 -21.95 3.97
CA PHE B 300 15.21 -21.61 3.37
C PHE B 300 15.29 -20.39 2.44
N ALA B 301 16.11 -19.42 2.81
CA ALA B 301 16.40 -18.24 1.97
C ALA B 301 16.90 -18.62 0.58
N LEU B 302 17.74 -19.64 0.52
CA LEU B 302 18.29 -20.12 -0.75
C LEU B 302 17.18 -20.66 -1.63
N ILE B 303 16.21 -21.35 -1.05
CA ILE B 303 15.03 -21.84 -1.77
C ILE B 303 14.21 -20.66 -2.32
N LEU B 304 14.02 -19.61 -1.51
CA LEU B 304 13.26 -18.48 -1.96
C LEU B 304 13.94 -17.72 -3.10
N GLN B 305 15.26 -17.63 -3.04
CA GLN B 305 16.07 -17.03 -4.11
C GLN B 305 15.90 -17.78 -5.41
N ARG B 306 15.90 -19.11 -5.36
CA ARG B 306 15.64 -19.94 -6.54
C ARG B 306 14.24 -19.72 -7.06
N ALA B 307 13.26 -19.75 -6.17
CA ALA B 307 11.88 -19.49 -6.56
C ALA B 307 11.73 -18.16 -7.26
N PHE B 308 12.36 -17.12 -6.74
CA PHE B 308 12.33 -15.80 -7.38
C PHE B 308 13.01 -15.86 -8.74
N GLN B 309 14.16 -16.51 -8.85
CA GLN B 309 14.85 -16.63 -10.16
CA GLN B 309 14.81 -16.54 -10.16
C GLN B 309 13.97 -17.31 -11.17
N GLU B 310 13.23 -18.34 -10.76
CA GLU B 310 12.26 -18.98 -11.65
C GLU B 310 11.12 -18.05 -12.06
N ALA B 311 10.66 -17.22 -11.15
CA ALA B 311 9.57 -16.27 -11.44
C ALA B 311 10.05 -15.20 -12.41
N VAL B 312 11.30 -14.76 -12.25
CA VAL B 312 11.90 -13.78 -13.16
C VAL B 312 12.07 -14.37 -14.54
N ALA B 313 12.54 -15.60 -14.65
CA ALA B 313 12.61 -16.27 -15.97
C ALA B 313 11.23 -16.48 -16.59
N LEU B 314 10.21 -16.80 -15.80
CA LEU B 314 8.83 -16.81 -16.32
C LEU B 314 8.40 -15.40 -16.84
N ALA B 315 8.75 -14.35 -16.10
CA ALA B 315 8.46 -13.00 -16.56
C ALA B 315 9.17 -12.70 -17.87
N ALA B 316 10.44 -13.11 -17.97
CA ALA B 316 11.26 -12.88 -19.16
C ALA B 316 10.72 -13.63 -20.36
N SER B 317 10.22 -14.83 -20.13
CA SER B 317 9.72 -15.67 -21.20
C SER B 317 8.44 -15.14 -21.81
N THR B 318 7.76 -14.18 -21.18
CA THR B 318 6.58 -13.55 -21.80
C THR B 318 6.91 -12.64 -22.98
N GLY B 319 8.18 -12.27 -23.13
CA GLY B 319 8.61 -11.33 -24.17
C GLY B 319 8.43 -9.87 -23.78
N ILE B 320 7.89 -9.58 -22.60
CA ILE B 320 7.74 -8.21 -22.11
C ILE B 320 9.11 -7.66 -21.74
N THR B 321 9.36 -6.40 -22.07
CA THR B 321 10.69 -5.82 -21.84
C THR B 321 10.81 -5.40 -20.39
N LEU B 322 11.86 -5.85 -19.72
CA LEU B 322 12.04 -5.58 -18.31
C LEU B 322 12.93 -4.35 -18.10
N LYS B 323 12.89 -3.82 -16.87
CA LYS B 323 13.78 -2.76 -16.46
C LYS B 323 15.25 -3.17 -16.65
N GLN B 324 16.04 -2.26 -17.22
CA GLN B 324 17.51 -2.35 -17.27
C GLN B 324 18.08 -1.44 -16.18
N ASN B 325 19.17 -1.90 -15.54
CA ASN B 325 19.88 -1.13 -14.49
C ASN B 325 21.36 -0.93 -14.90
N VAL B 326 22.05 0.03 -14.30
CA VAL B 326 23.50 0.22 -14.54
C VAL B 326 24.36 -0.81 -13.80
#